data_8U2Q
#
_entry.id   8U2Q
#
_cell.length_a   171.286
_cell.length_b   87.388
_cell.length_c   99.152
_cell.angle_alpha   90.00
_cell.angle_beta   104.12
_cell.angle_gamma   90.00
#
_symmetry.space_group_name_H-M   'C 1 2 1'
#
loop_
_entity.id
_entity.type
_entity.pdbx_description
1 polymer 'Glycine--tRNA ligase'
2 non-polymer 'SODIUM ION'
3 non-polymer 'CHLORIDE ION'
4 non-polymer 1,2-ETHANEDIOL
5 non-polymer "5'-O-(glycylsulfamoyl)adenosine"
6 non-polymer 'ZINC ION'
7 water water
#
_entity_poly.entity_id   1
_entity_poly.type   'polypeptide(L)'
_entity_poly.pdbx_seq_one_letter_code
;MAHHHHHHMGTLEAQTQGPGSASIIDTVANLAKRRGFVYQSGEIYGGTRSAWDYGPLGVELKENIKRQWWKSMVTAREDV
VGIDTSIILPREVWVASGHVDVFHDPLVECLNCHRRYRADHLQEALAGKKGLDNPDGMDEVVCPDCGTKGRWTEPREFNM
MLKTYLGPIESDEGLHYLRPETAQGIFTNFANVVTTARKKPPFGIAQTGKSFRNEITPGNFIFRTREFEQMEMEFFVEPS
TAKEWHQYWIDTRLQWYVDLGIDRDNLRLYEHPPEKLSHYAERTVDIEYKYGFAGDPWGELEGIANRTDFDLSTHSKHSG
VDLSYYDQATDTRYVPYVIEPAAGLTRSLMAFLIDAYSEDEAPNAKGGVDKRTVLRFDPRLAPVKVAVLPLSRHADLSPK
ARDLAAELRQHWNVEFDDAGAIGRRYRRQDEVGTPYCVTVDFDSLEDNAVTVRERDSMAQERISIDQVTDYLAVRLKGC
;
_entity_poly.pdbx_strand_id   A,B
#
loop_
_chem_comp.id
_chem_comp.type
_chem_comp.name
_chem_comp.formula
CL non-polymer 'CHLORIDE ION' 'Cl -1'
EDO non-polymer 1,2-ETHANEDIOL 'C2 H6 O2'
G5A non-polymer 5'-O-(glycylsulfamoyl)adenosine 'C12 H17 N7 O7 S'
NA non-polymer 'SODIUM ION' 'Na 1'
ZN non-polymer 'ZINC ION' 'Zn 2'
#
# COMPACT_ATOMS: atom_id res chain seq x y z
N ALA A 22 -0.58 -37.15 -2.81
CA ALA A 22 -0.99 -35.75 -2.81
C ALA A 22 0.22 -34.84 -2.64
N SER A 23 0.39 -33.94 -3.60
CA SER A 23 1.60 -33.12 -3.66
C SER A 23 1.61 -32.08 -2.55
N ILE A 24 2.71 -31.34 -2.46
CA ILE A 24 2.82 -30.30 -1.44
C ILE A 24 2.11 -29.04 -1.89
N ILE A 25 2.14 -28.74 -3.19
CA ILE A 25 1.41 -27.59 -3.70
C ILE A 25 -0.07 -27.75 -3.39
N ASP A 26 -0.64 -28.92 -3.71
CA ASP A 26 -2.05 -29.15 -3.42
C ASP A 26 -2.32 -29.07 -1.92
N THR A 27 -1.45 -29.68 -1.12
CA THR A 27 -1.61 -29.63 0.33
C THR A 27 -1.56 -28.19 0.84
N VAL A 28 -0.60 -27.41 0.35
CA VAL A 28 -0.46 -26.02 0.79
C VAL A 28 -1.64 -25.19 0.29
N ALA A 29 -2.05 -25.38 -0.96
CA ALA A 29 -3.18 -24.64 -1.49
C ALA A 29 -4.46 -24.91 -0.68
N ASN A 30 -4.65 -26.15 -0.25
CA ASN A 30 -5.84 -26.47 0.54
C ASN A 30 -5.77 -25.81 1.92
N LEU A 31 -4.60 -25.84 2.54
CA LEU A 31 -4.42 -25.13 3.80
C LEU A 31 -4.69 -23.65 3.63
N ALA A 32 -4.16 -23.06 2.55
CA ALA A 32 -4.38 -21.64 2.30
C ALA A 32 -5.87 -21.32 2.16
N LYS A 33 -6.61 -22.17 1.46
CA LYS A 33 -8.04 -21.93 1.29
C LYS A 33 -8.79 -22.12 2.60
N ARG A 34 -8.47 -23.20 3.33
CA ARG A 34 -9.23 -23.53 4.52
C ARG A 34 -9.07 -22.48 5.61
N ARG A 35 -7.87 -21.92 5.76
CA ARG A 35 -7.60 -20.95 6.81
C ARG A 35 -7.73 -19.50 6.33
N GLY A 36 -8.15 -19.29 5.09
CA GLY A 36 -8.42 -17.94 4.63
C GLY A 36 -7.20 -17.13 4.28
N PHE A 37 -6.13 -17.76 3.78
CA PHE A 37 -5.06 -17.00 3.15
C PHE A 37 -5.53 -16.45 1.80
N VAL A 38 -6.24 -17.27 1.02
CA VAL A 38 -6.74 -16.87 -0.28
C VAL A 38 -8.18 -17.34 -0.43
N TYR A 39 -8.95 -16.57 -1.20
CA TYR A 39 -10.21 -17.02 -1.78
C TYR A 39 -10.17 -16.72 -3.27
N GLN A 40 -10.84 -17.57 -4.06
CA GLN A 40 -10.96 -17.28 -5.49
C GLN A 40 -11.92 -16.11 -5.68
N SER A 41 -11.47 -15.11 -6.44
CA SER A 41 -12.27 -13.90 -6.63
C SER A 41 -13.59 -14.25 -7.30
N GLY A 42 -14.68 -13.70 -6.75
CA GLY A 42 -16.01 -13.99 -7.27
C GLY A 42 -16.40 -15.45 -7.18
N GLU A 43 -15.86 -16.18 -6.20
CA GLU A 43 -16.20 -17.58 -6.00
C GLU A 43 -17.69 -17.85 -6.18
N ILE A 44 -18.53 -17.02 -5.56
CA ILE A 44 -19.97 -17.27 -5.56
C ILE A 44 -20.56 -17.17 -6.97
N TYR A 45 -19.87 -16.48 -7.88
CA TYR A 45 -20.30 -16.38 -9.26
C TYR A 45 -19.49 -17.27 -10.21
N GLY A 46 -18.65 -18.14 -9.66
CA GLY A 46 -17.76 -18.95 -10.47
C GLY A 46 -16.39 -18.33 -10.60
N GLY A 47 -15.41 -18.90 -9.90
CA GLY A 47 -14.07 -18.36 -9.88
C GLY A 47 -13.07 -19.24 -10.59
N THR A 48 -11.93 -18.65 -10.95
CA THR A 48 -10.85 -19.35 -11.61
C THR A 48 -9.54 -19.03 -10.89
N ARG A 49 -8.49 -19.77 -11.26
CA ARG A 49 -7.19 -19.55 -10.65
C ARG A 49 -6.46 -18.33 -11.22
N SER A 50 -7.07 -17.60 -12.15
CA SER A 50 -6.45 -16.41 -12.72
C SER A 50 -6.73 -15.15 -11.91
N ALA A 51 -7.54 -15.24 -10.86
CA ALA A 51 -7.82 -14.10 -10.01
C ALA A 51 -8.10 -14.60 -8.60
N TRP A 52 -7.37 -14.08 -7.63
CA TRP A 52 -7.51 -14.48 -6.24
C TRP A 52 -7.67 -13.25 -5.35
N ASP A 53 -8.47 -13.41 -4.29
CA ASP A 53 -8.50 -12.49 -3.18
C ASP A 53 -7.63 -13.04 -2.06
N TYR A 54 -7.21 -12.14 -1.17
CA TYR A 54 -6.39 -12.51 -0.01
C TYR A 54 -7.15 -12.21 1.26
N GLY A 55 -7.36 -13.25 2.07
CA GLY A 55 -8.18 -13.14 3.26
C GLY A 55 -7.44 -12.54 4.43
N PRO A 56 -8.05 -12.60 5.61
CA PRO A 56 -7.45 -11.95 6.79
C PRO A 56 -5.99 -12.32 7.01
N LEU A 57 -5.66 -13.61 6.95
CA LEU A 57 -4.27 -14.03 7.10
C LEU A 57 -3.46 -13.73 5.83
N GLY A 58 -4.08 -13.84 4.67
CA GLY A 58 -3.35 -13.65 3.43
C GLY A 58 -2.90 -12.21 3.23
N VAL A 59 -3.74 -11.25 3.59
CA VAL A 59 -3.38 -9.86 3.36
C VAL A 59 -2.25 -9.44 4.30
N GLU A 60 -2.19 -10.00 5.51
CA GLU A 60 -1.11 -9.67 6.42
C GLU A 60 0.22 -10.23 5.94
N LEU A 61 0.22 -11.49 5.51
CA LEU A 61 1.44 -12.07 4.95
C LEU A 61 1.92 -11.28 3.74
N LYS A 62 0.98 -10.93 2.85
CA LYS A 62 1.35 -10.18 1.64
C LYS A 62 1.92 -8.81 1.99
N GLU A 63 1.29 -8.11 2.94
CA GLU A 63 1.81 -6.80 3.35
C GLU A 63 3.16 -6.93 4.05
N ASN A 64 3.35 -8.00 4.84
CA ASN A 64 4.62 -8.17 5.53
C ASN A 64 5.75 -8.40 4.54
N ILE A 65 5.50 -9.17 3.48
CA ILE A 65 6.52 -9.37 2.45
C ILE A 65 6.82 -8.04 1.77
N LYS A 66 5.77 -7.31 1.38
CA LYS A 66 5.96 -6.02 0.74
C LYS A 66 6.76 -5.07 1.63
N ARG A 67 6.41 -5.01 2.92
CA ARG A 67 7.10 -4.10 3.82
C ARG A 67 8.57 -4.48 3.99
N GLN A 68 8.85 -5.79 4.06
CA GLN A 68 10.22 -6.24 4.19
C GLN A 68 11.02 -5.94 2.92
N TRP A 69 10.37 -6.07 1.76
CA TRP A 69 11.01 -5.68 0.51
C TRP A 69 11.32 -4.18 0.51
N TRP A 70 10.37 -3.37 0.95
CA TRP A 70 10.57 -1.92 0.94
C TRP A 70 11.66 -1.52 1.93
N LYS A 71 11.72 -2.18 3.08
CA LYS A 71 12.76 -1.86 4.06
C LYS A 71 14.14 -2.18 3.53
N SER A 72 14.31 -3.35 2.91
CA SER A 72 15.60 -3.72 2.36
C SER A 72 16.00 -2.83 1.18
N MET A 73 15.04 -2.46 0.34
CA MET A 73 15.36 -1.73 -0.88
C MET A 73 15.50 -0.24 -0.66
N VAL A 74 14.54 0.37 0.05
CA VAL A 74 14.39 1.82 0.07
C VAL A 74 14.83 2.40 1.41
N THR A 75 14.24 1.94 2.50
CA THR A 75 14.49 2.58 3.79
C THR A 75 15.93 2.38 4.24
N ALA A 76 16.48 1.19 4.00
CA ALA A 76 17.79 0.83 4.50
C ALA A 76 18.93 1.30 3.60
N ARG A 77 18.65 1.77 2.39
CA ARG A 77 19.70 2.11 1.43
C ARG A 77 19.69 3.60 1.15
N GLU A 78 20.86 4.23 1.33
CA GLU A 78 21.03 5.63 1.00
C GLU A 78 20.79 5.87 -0.49
N ASP A 79 21.17 4.91 -1.33
CA ASP A 79 21.22 5.08 -2.78
C ASP A 79 19.93 4.71 -3.50
N VAL A 80 18.85 4.38 -2.80
CA VAL A 80 17.58 4.01 -3.43
C VAL A 80 16.45 4.80 -2.80
N VAL A 81 15.58 5.36 -3.64
CA VAL A 81 14.40 6.09 -3.20
C VAL A 81 13.17 5.43 -3.83
N GLY A 82 12.00 5.81 -3.33
CA GLY A 82 10.74 5.20 -3.71
C GLY A 82 9.92 6.07 -4.64
N ILE A 83 8.91 5.43 -5.24
CA ILE A 83 7.95 6.12 -6.09
C ILE A 83 6.69 5.27 -6.17
N ASP A 84 5.59 5.89 -6.59
CA ASP A 84 4.33 5.18 -6.85
C ASP A 84 3.66 5.86 -8.03
N THR A 85 3.52 5.15 -9.15
CA THR A 85 3.03 5.76 -10.37
C THR A 85 1.73 5.12 -10.81
N SER A 86 1.02 5.79 -11.71
CA SER A 86 -0.31 5.39 -12.08
C SER A 86 -0.31 4.06 -12.84
N ILE A 87 -1.36 3.26 -12.60
CA ILE A 87 -1.57 2.05 -13.38
C ILE A 87 -1.84 2.40 -14.84
N ILE A 88 -2.50 3.52 -15.10
CA ILE A 88 -2.88 3.92 -16.45
C ILE A 88 -2.09 5.17 -16.79
N LEU A 89 -1.16 5.03 -17.73
CA LEU A 89 -0.33 6.12 -18.22
C LEU A 89 -0.80 6.53 -19.61
N PRO A 90 -0.32 7.67 -20.11
CA PRO A 90 -0.59 8.03 -21.50
C PRO A 90 -0.25 6.88 -22.45
N ARG A 91 -1.06 6.76 -23.50
CA ARG A 91 -0.85 5.69 -24.48
C ARG A 91 0.56 5.72 -25.04
N GLU A 92 1.10 6.92 -25.28
CA GLU A 92 2.41 7.05 -25.90
C GLU A 92 3.49 6.30 -25.13
N VAL A 93 3.31 6.13 -23.82
CA VAL A 93 4.34 5.48 -23.00
C VAL A 93 4.67 4.09 -23.56
N TRP A 94 3.64 3.32 -23.87
CA TRP A 94 3.81 1.93 -24.28
C TRP A 94 4.10 1.78 -25.77
N VAL A 95 3.89 2.83 -26.55
CA VAL A 95 4.45 2.86 -27.89
C VAL A 95 5.96 3.02 -27.81
N ALA A 96 6.43 4.04 -27.08
CA ALA A 96 7.86 4.29 -26.95
C ALA A 96 8.58 3.07 -26.36
N SER A 97 7.97 2.41 -25.38
CA SER A 97 8.60 1.29 -24.72
C SER A 97 8.67 0.05 -25.61
N GLY A 98 7.94 0.03 -26.72
CA GLY A 98 7.92 -1.11 -27.59
C GLY A 98 6.92 -2.18 -27.24
N HIS A 99 6.14 -1.99 -26.17
CA HIS A 99 5.21 -3.03 -25.74
C HIS A 99 4.04 -3.18 -26.72
N VAL A 100 3.58 -2.06 -27.28
CA VAL A 100 2.50 -2.12 -28.25
C VAL A 100 2.87 -3.05 -29.40
N ASP A 101 4.10 -2.97 -29.87
CA ASP A 101 4.50 -3.70 -31.08
C ASP A 101 5.04 -5.09 -30.79
N VAL A 102 5.63 -5.32 -29.62
CA VAL A 102 6.41 -6.53 -29.38
C VAL A 102 5.84 -7.41 -28.27
N PHE A 103 4.87 -6.93 -27.49
CA PHE A 103 4.44 -7.65 -26.29
C PHE A 103 3.26 -8.56 -26.64
N HIS A 104 3.59 -9.68 -27.29
CA HIS A 104 2.59 -10.65 -27.73
C HIS A 104 3.23 -12.03 -27.75
N ASP A 105 2.39 -13.06 -27.84
CA ASP A 105 2.85 -14.44 -27.89
C ASP A 105 2.18 -15.20 -29.03
N ASN A 159 -1.79 -9.91 -28.53
CA ASN A 159 -1.26 -8.89 -27.64
C ASN A 159 -1.61 -9.19 -26.17
N MET A 160 -0.62 -9.09 -25.29
CA MET A 160 -0.81 -9.41 -23.88
C MET A 160 -1.32 -8.24 -23.04
N MET A 161 -1.42 -7.03 -23.59
CA MET A 161 -1.82 -5.89 -22.80
C MET A 161 -3.34 -5.75 -22.75
N LEU A 162 -3.84 -5.35 -21.58
CA LEU A 162 -5.25 -5.07 -21.40
C LEU A 162 -5.56 -3.63 -21.79
N LYS A 163 -6.68 -3.43 -22.47
CA LYS A 163 -7.10 -2.12 -22.93
C LYS A 163 -8.15 -1.56 -21.98
N THR A 164 -8.26 -0.23 -21.97
CA THR A 164 -9.39 0.45 -21.38
C THR A 164 -9.59 1.76 -22.13
N TYR A 165 -10.72 2.40 -21.88
CA TYR A 165 -11.09 3.62 -22.59
C TYR A 165 -11.44 4.69 -21.58
N LEU A 166 -10.80 5.86 -21.71
CA LEU A 166 -11.00 6.98 -20.80
C LEU A 166 -11.72 8.10 -21.53
N GLY A 167 -12.65 8.74 -20.84
CA GLY A 167 -13.41 9.83 -21.41
C GLY A 167 -14.70 9.37 -22.06
N PRO A 168 -15.47 10.34 -22.57
CA PRO A 168 -16.81 10.02 -23.12
C PRO A 168 -16.75 9.31 -24.46
N ILE A 169 -15.98 9.86 -25.40
CA ILE A 169 -15.79 9.22 -26.70
C ILE A 169 -15.10 7.88 -26.48
N GLU A 170 -15.81 6.79 -26.73
CA GLU A 170 -15.25 5.44 -26.62
C GLU A 170 -14.68 5.04 -27.97
N SER A 171 -13.44 5.42 -28.23
CA SER A 171 -12.80 5.23 -29.52
C SER A 171 -11.30 5.11 -29.29
N ASP A 172 -10.55 4.93 -30.39
CA ASP A 172 -9.10 4.89 -30.28
C ASP A 172 -8.56 6.18 -29.67
N GLU A 173 -9.35 7.26 -29.72
CA GLU A 173 -8.91 8.53 -29.13
C GLU A 173 -8.68 8.38 -27.64
N GLY A 174 -9.60 7.76 -26.93
CA GLY A 174 -9.50 7.53 -25.51
C GLY A 174 -8.90 6.21 -25.11
N LEU A 175 -8.29 5.47 -26.04
CA LEU A 175 -7.72 4.17 -25.71
C LEU A 175 -6.45 4.33 -24.89
N HIS A 176 -6.40 3.62 -23.76
CA HIS A 176 -5.22 3.50 -22.94
C HIS A 176 -4.98 2.03 -22.61
N TYR A 177 -3.76 1.73 -22.19
CA TYR A 177 -3.39 0.39 -21.75
C TYR A 177 -3.15 0.39 -20.24
N LEU A 178 -3.65 -0.64 -19.57
CA LEU A 178 -3.20 -0.93 -18.21
C LEU A 178 -1.75 -1.43 -18.26
N ARG A 179 -0.95 -0.98 -17.31
CA ARG A 179 0.48 -1.25 -17.40
C ARG A 179 0.75 -2.74 -17.28
N PRO A 180 1.53 -3.34 -18.18
CA PRO A 180 1.98 -4.72 -17.99
C PRO A 180 3.18 -4.85 -17.07
N GLU A 181 3.87 -3.75 -16.77
CA GLU A 181 4.96 -3.70 -15.81
C GLU A 181 4.93 -2.32 -15.17
N THR A 182 5.52 -2.22 -13.99
CA THR A 182 5.59 -0.93 -13.31
C THR A 182 6.80 -0.09 -13.72
N ALA A 183 7.73 -0.65 -14.49
CA ALA A 183 9.01 0.02 -14.72
C ALA A 183 8.84 1.33 -15.48
N GLN A 184 7.91 1.39 -16.43
CA GLN A 184 7.80 2.56 -17.28
C GLN A 184 7.38 3.80 -16.50
N GLY A 185 6.63 3.65 -15.40
CA GLY A 185 6.33 4.79 -14.56
C GLY A 185 7.57 5.36 -13.89
N ILE A 186 8.57 4.51 -13.65
CA ILE A 186 9.84 4.99 -13.11
C ILE A 186 10.65 5.73 -14.17
N PHE A 187 10.83 5.12 -15.34
CA PHE A 187 11.69 5.70 -16.36
C PHE A 187 11.22 7.12 -16.74
N THR A 188 9.92 7.31 -16.94
CA THR A 188 9.41 8.61 -17.35
C THR A 188 9.59 9.66 -16.26
N ASN A 189 9.86 9.24 -15.02
CA ASN A 189 10.11 10.16 -13.92
C ASN A 189 11.58 10.23 -13.53
N PHE A 190 12.47 9.64 -14.31
CA PHE A 190 13.87 9.60 -13.93
C PHE A 190 14.42 11.02 -13.71
N ALA A 191 14.21 11.91 -14.68
CA ALA A 191 14.71 13.27 -14.55
C ALA A 191 14.04 14.00 -13.40
N ASN A 192 12.74 13.78 -13.21
CA ASN A 192 12.03 14.40 -12.08
C ASN A 192 12.65 14.00 -10.74
N VAL A 193 13.05 12.73 -10.61
CA VAL A 193 13.57 12.25 -9.34
C VAL A 193 14.98 12.79 -9.09
N VAL A 194 15.84 12.73 -10.12
CA VAL A 194 17.16 13.33 -10.01
C VAL A 194 17.05 14.75 -9.48
N THR A 195 16.07 15.52 -9.97
CA THR A 195 15.92 16.89 -9.54
C THR A 195 15.50 16.98 -8.07
N THR A 196 14.33 16.45 -7.73
CA THR A 196 13.79 16.68 -6.39
C THR A 196 14.55 15.89 -5.32
N ALA A 197 15.04 14.70 -5.64
CA ALA A 197 15.75 13.89 -4.66
C ALA A 197 17.26 14.12 -4.66
N ARG A 198 17.77 14.93 -5.60
CA ARG A 198 19.20 15.22 -5.71
C ARG A 198 20.02 13.95 -5.67
N LYS A 199 19.71 13.05 -6.61
CA LYS A 199 20.40 11.77 -6.72
C LYS A 199 21.28 11.74 -7.97
N LYS A 200 22.25 10.85 -7.95
CA LYS A 200 23.27 10.74 -8.96
C LYS A 200 23.64 9.27 -9.13
N PRO A 201 23.76 8.77 -10.36
CA PRO A 201 24.16 7.37 -10.54
C PRO A 201 25.48 7.09 -9.83
N PRO A 202 25.63 5.91 -9.21
CA PRO A 202 24.68 4.79 -9.11
C PRO A 202 23.58 4.99 -8.06
N PHE A 203 22.31 4.92 -8.45
CA PHE A 203 21.20 5.03 -7.52
C PHE A 203 19.97 4.39 -8.15
N GLY A 204 19.02 4.00 -7.29
CA GLY A 204 17.85 3.28 -7.77
C GLY A 204 16.52 3.93 -7.42
N ILE A 205 15.47 3.49 -8.09
CA ILE A 205 14.11 3.95 -7.84
C ILE A 205 13.21 2.72 -7.76
N ALA A 206 12.55 2.53 -6.62
CA ALA A 206 11.79 1.32 -6.33
C ALA A 206 10.31 1.62 -6.28
N GLN A 207 9.51 0.59 -6.57
CA GLN A 207 8.07 0.76 -6.69
C GLN A 207 7.39 -0.58 -6.50
N THR A 208 6.24 -0.56 -5.82
CA THR A 208 5.36 -1.71 -5.73
C THR A 208 3.98 -1.29 -6.24
N GLY A 209 3.30 -2.21 -6.91
CA GLY A 209 1.98 -1.91 -7.44
C GLY A 209 1.47 -3.00 -8.35
N LYS A 210 0.20 -2.85 -8.71
CA LYS A 210 -0.47 -3.83 -9.56
C LYS A 210 -0.08 -3.65 -11.02
N SER A 211 0.14 -4.78 -11.70
CA SER A 211 0.32 -4.84 -13.14
C SER A 211 -0.70 -5.80 -13.75
N PHE A 212 -0.85 -5.74 -15.07
CA PHE A 212 -1.93 -6.43 -15.76
C PHE A 212 -1.42 -7.03 -17.06
N ARG A 213 -1.71 -8.31 -17.26
CA ARG A 213 -1.33 -9.04 -18.46
C ARG A 213 -2.44 -10.02 -18.82
N ASN A 214 -2.76 -10.10 -20.11
CA ASN A 214 -3.81 -11.00 -20.60
C ASN A 214 -3.25 -12.41 -20.76
N GLU A 215 -2.88 -13.00 -19.64
CA GLU A 215 -2.32 -14.35 -19.65
C GLU A 215 -3.31 -15.32 -20.27
N ILE A 216 -2.83 -16.09 -21.25
CA ILE A 216 -3.72 -16.98 -22.00
C ILE A 216 -4.30 -18.06 -21.09
N THR A 217 -3.49 -18.58 -20.18
CA THR A 217 -3.96 -19.59 -19.23
C THR A 217 -3.47 -19.24 -17.83
N PRO A 218 -4.21 -19.62 -16.80
CA PRO A 218 -3.71 -19.43 -15.42
C PRO A 218 -2.72 -20.53 -15.04
N GLY A 219 -2.09 -20.33 -13.88
CA GLY A 219 -1.09 -21.23 -13.37
C GLY A 219 -1.57 -22.02 -12.17
N ASN A 220 -0.65 -22.81 -11.63
CA ASN A 220 -0.88 -23.52 -10.39
C ASN A 220 -1.12 -22.51 -9.26
N PHE A 221 -2.30 -22.58 -8.65
CA PHE A 221 -2.61 -21.76 -7.48
C PHE A 221 -2.51 -20.29 -7.91
N ILE A 222 -1.71 -19.46 -7.24
CA ILE A 222 -1.64 -18.03 -7.53
C ILE A 222 -0.43 -17.68 -8.40
N PHE A 223 0.15 -18.67 -9.07
CA PHE A 223 1.44 -18.47 -9.73
C PHE A 223 1.35 -17.48 -10.89
N ARG A 224 0.27 -17.54 -11.68
CA ARG A 224 0.18 -16.72 -12.89
C ARG A 224 -1.25 -16.24 -13.01
N THR A 225 -1.46 -14.95 -12.74
CA THR A 225 -2.78 -14.33 -12.81
C THR A 225 -2.74 -13.13 -13.74
N ARG A 226 -3.91 -12.73 -14.22
CA ARG A 226 -3.97 -11.56 -15.10
C ARG A 226 -3.71 -10.27 -14.35
N GLU A 227 -3.95 -10.25 -13.04
CA GLU A 227 -3.70 -9.10 -12.20
C GLU A 227 -2.81 -9.56 -11.07
N PHE A 228 -1.68 -8.89 -10.88
CA PHE A 228 -0.69 -9.30 -9.90
C PHE A 228 0.11 -8.08 -9.47
N GLU A 229 0.73 -8.20 -8.31
CA GLU A 229 1.53 -7.13 -7.74
C GLU A 229 3.01 -7.40 -8.00
N GLN A 230 3.72 -6.39 -8.45
CA GLN A 230 5.16 -6.46 -8.68
C GLN A 230 5.87 -5.53 -7.71
N MET A 231 7.13 -5.87 -7.45
CA MET A 231 8.02 -5.04 -6.64
C MET A 231 9.29 -4.88 -7.49
N GLU A 232 9.41 -3.72 -8.13
CA GLU A 232 10.45 -3.48 -9.12
C GLU A 232 11.29 -2.30 -8.68
N MET A 233 12.59 -2.41 -8.93
CA MET A 233 13.54 -1.33 -8.70
C MET A 233 14.39 -1.17 -9.94
N GLU A 234 14.56 0.07 -10.38
CA GLU A 234 15.39 0.41 -11.53
C GLU A 234 16.64 1.09 -11.01
N PHE A 235 17.79 0.45 -11.19
CA PHE A 235 19.06 0.96 -10.65
C PHE A 235 19.87 1.57 -11.79
N PHE A 236 20.00 2.89 -11.78
CA PHE A 236 20.66 3.63 -12.85
C PHE A 236 22.15 3.78 -12.53
N VAL A 237 23.00 3.32 -13.46
CA VAL A 237 24.43 3.27 -13.23
C VAL A 237 25.16 3.81 -14.46
N GLU A 238 26.41 4.18 -14.25
CA GLU A 238 27.26 4.55 -15.36
C GLU A 238 27.52 3.31 -16.22
N PRO A 239 27.35 3.38 -17.54
CA PRO A 239 27.32 2.14 -18.34
C PRO A 239 28.48 1.19 -18.09
N SER A 240 29.70 1.69 -17.89
CA SER A 240 30.85 0.80 -17.76
C SER A 240 30.79 -0.06 -16.49
N THR A 241 30.00 0.34 -15.49
CA THR A 241 29.87 -0.44 -14.27
C THR A 241 28.65 -1.36 -14.28
N ALA A 242 27.89 -1.38 -15.38
CA ALA A 242 26.60 -2.07 -15.37
C ALA A 242 26.75 -3.56 -15.08
N LYS A 243 27.73 -4.20 -15.72
CA LYS A 243 27.87 -5.65 -15.56
C LYS A 243 28.23 -6.03 -14.12
N GLU A 244 29.11 -5.25 -13.48
CA GLU A 244 29.43 -5.53 -12.08
C GLU A 244 28.21 -5.31 -11.20
N TRP A 245 27.43 -4.27 -11.48
CA TRP A 245 26.21 -4.00 -10.72
C TRP A 245 25.17 -5.09 -10.97
N HIS A 246 25.19 -5.72 -12.14
CA HIS A 246 24.25 -6.80 -12.39
C HIS A 246 24.50 -7.96 -11.45
N GLN A 247 25.76 -8.37 -11.31
CA GLN A 247 26.09 -9.46 -10.41
C GLN A 247 25.80 -9.07 -8.96
N TYR A 248 26.04 -7.80 -8.61
CA TYR A 248 25.77 -7.36 -7.24
C TYR A 248 24.31 -7.59 -6.88
N TRP A 249 23.39 -7.24 -7.77
CA TRP A 249 21.97 -7.31 -7.44
C TRP A 249 21.44 -8.74 -7.54
N ILE A 250 21.99 -9.55 -8.45
CA ILE A 250 21.65 -10.97 -8.45
C ILE A 250 21.97 -11.58 -7.09
N ASP A 251 23.17 -11.34 -6.58
CA ASP A 251 23.56 -11.90 -5.29
C ASP A 251 22.74 -11.28 -4.16
N THR A 252 22.53 -9.96 -4.21
CA THR A 252 21.81 -9.29 -3.14
C THR A 252 20.36 -9.76 -3.06
N ARG A 253 19.69 -9.89 -4.20
CA ARG A 253 18.30 -10.33 -4.19
C ARG A 253 18.18 -11.78 -3.72
N LEU A 254 19.08 -12.65 -4.19
CA LEU A 254 19.10 -14.02 -3.72
C LEU A 254 19.20 -14.08 -2.21
N GLN A 255 20.12 -13.30 -1.64
CA GLN A 255 20.29 -13.29 -0.19
C GLN A 255 19.06 -12.79 0.53
N TRP A 256 18.27 -11.92 -0.12
CA TRP A 256 17.08 -11.38 0.53
C TRP A 256 16.07 -12.47 0.83
N TYR A 257 15.88 -13.41 -0.10
CA TYR A 257 14.97 -14.52 0.15
C TYR A 257 15.52 -15.44 1.22
N VAL A 258 16.82 -15.66 1.23
CA VAL A 258 17.44 -16.52 2.25
C VAL A 258 17.33 -15.90 3.63
N ASP A 259 17.56 -14.58 3.72
CA ASP A 259 17.51 -13.91 5.01
C ASP A 259 16.11 -13.96 5.62
N LEU A 260 15.08 -14.07 4.78
CA LEU A 260 13.71 -14.13 5.25
C LEU A 260 13.19 -15.55 5.39
N GLY A 261 14.05 -16.56 5.28
CA GLY A 261 13.76 -17.90 5.75
C GLY A 261 13.69 -18.98 4.69
N ILE A 262 13.80 -18.65 3.41
CA ILE A 262 13.68 -19.66 2.37
C ILE A 262 14.97 -20.49 2.32
N ASP A 263 14.81 -21.82 2.25
CA ASP A 263 15.93 -22.72 2.13
C ASP A 263 16.69 -22.44 0.83
N ARG A 264 18.00 -22.17 0.95
CA ARG A 264 18.80 -21.85 -0.22
C ARG A 264 18.73 -22.97 -1.27
N ASP A 265 18.55 -24.22 -0.84
CA ASP A 265 18.52 -25.32 -1.79
C ASP A 265 17.31 -25.23 -2.72
N ASN A 266 16.28 -24.49 -2.34
CA ASN A 266 15.09 -24.33 -3.18
C ASN A 266 15.17 -23.09 -4.06
N LEU A 267 16.36 -22.49 -4.19
CA LEU A 267 16.58 -21.34 -5.05
C LEU A 267 17.71 -21.65 -6.01
N ARG A 268 17.58 -21.18 -7.25
CA ARG A 268 18.63 -21.33 -8.23
C ARG A 268 18.56 -20.17 -9.22
N LEU A 269 19.63 -20.02 -10.01
CA LEU A 269 19.72 -18.98 -11.03
C LEU A 269 19.57 -19.58 -12.42
N TYR A 270 18.94 -18.83 -13.32
CA TYR A 270 18.71 -19.27 -14.68
C TYR A 270 18.99 -18.13 -15.64
N GLU A 271 19.90 -18.35 -16.58
CA GLU A 271 20.27 -17.36 -17.58
C GLU A 271 19.34 -17.49 -18.79
N HIS A 272 18.66 -16.40 -19.12
CA HIS A 272 17.83 -16.38 -20.31
C HIS A 272 18.69 -16.63 -21.54
N PRO A 273 18.31 -17.56 -22.42
CA PRO A 273 18.97 -17.61 -23.74
C PRO A 273 18.49 -16.46 -24.61
N PRO A 274 19.13 -16.23 -25.75
CA PRO A 274 18.78 -15.05 -26.56
C PRO A 274 17.33 -15.04 -27.04
N GLU A 275 16.72 -16.22 -27.17
CA GLU A 275 15.32 -16.27 -27.58
C GLU A 275 14.40 -15.79 -26.46
N LYS A 276 14.70 -16.17 -25.22
CA LYS A 276 13.85 -15.81 -24.08
C LYS A 276 14.00 -14.35 -23.66
N LEU A 277 15.04 -13.66 -24.12
CA LEU A 277 15.25 -12.28 -23.71
C LEU A 277 14.07 -11.39 -24.12
N SER A 278 13.69 -10.49 -23.21
CA SER A 278 12.68 -9.49 -23.51
C SER A 278 13.25 -8.39 -24.40
N HIS A 279 12.35 -7.70 -25.10
CA HIS A 279 12.77 -6.71 -26.08
C HIS A 279 13.53 -5.56 -25.45
N TYR A 280 13.45 -5.39 -24.13
CA TYR A 280 14.12 -4.30 -23.43
C TYR A 280 15.43 -4.72 -22.78
N ALA A 281 15.81 -5.99 -22.86
CA ALA A 281 16.91 -6.53 -22.06
C ALA A 281 18.04 -7.05 -22.93
N GLU A 282 19.27 -6.94 -22.41
CA GLU A 282 20.47 -7.52 -22.99
C GLU A 282 20.91 -8.79 -22.29
N ARG A 283 20.79 -8.84 -20.97
CA ARG A 283 21.07 -10.03 -20.20
C ARG A 283 20.05 -10.10 -19.08
N THR A 284 19.46 -11.27 -18.86
CA THR A 284 18.48 -11.45 -17.81
C THR A 284 18.79 -12.74 -17.07
N VAL A 285 18.79 -12.66 -15.75
CA VAL A 285 18.95 -13.82 -14.88
C VAL A 285 17.72 -13.89 -13.99
N ASP A 286 17.05 -15.03 -14.01
CA ASP A 286 15.90 -15.26 -13.15
C ASP A 286 16.34 -16.00 -11.89
N ILE A 287 15.78 -15.58 -10.77
CA ILE A 287 15.78 -16.42 -9.57
C ILE A 287 14.57 -17.34 -9.66
N GLU A 288 14.81 -18.65 -9.54
CA GLU A 288 13.75 -19.64 -9.60
C GLU A 288 13.61 -20.32 -8.24
N TYR A 289 12.38 -20.72 -7.94
CA TYR A 289 12.07 -21.41 -6.70
C TYR A 289 11.52 -22.80 -7.02
N LYS A 290 11.87 -23.78 -6.18
CA LYS A 290 11.37 -25.14 -6.33
C LYS A 290 9.95 -25.19 -5.75
N TYR A 291 8.99 -24.74 -6.56
CA TYR A 291 7.61 -24.69 -6.11
C TYR A 291 7.05 -26.08 -5.87
N GLY A 292 7.47 -27.06 -6.67
CA GLY A 292 6.96 -28.41 -6.58
C GLY A 292 5.92 -28.76 -7.62
N PHE A 293 5.88 -28.03 -8.74
CA PHE A 293 4.94 -28.34 -9.82
C PHE A 293 5.08 -29.78 -10.27
N ALA A 294 4.03 -30.32 -10.89
CA ALA A 294 4.15 -31.60 -11.57
C ALA A 294 5.01 -31.43 -12.82
N GLY A 295 6.00 -32.30 -12.98
CA GLY A 295 6.92 -32.19 -14.09
C GLY A 295 8.21 -31.53 -13.68
N ASP A 296 8.42 -30.30 -14.16
CA ASP A 296 9.55 -29.49 -13.71
C ASP A 296 9.10 -28.73 -12.46
N PRO A 297 9.66 -29.04 -11.28
CA PRO A 297 9.18 -28.37 -10.05
C PRO A 297 9.64 -26.92 -9.91
N TRP A 298 10.51 -26.42 -10.78
CA TRP A 298 11.04 -25.07 -10.66
C TRP A 298 10.22 -24.10 -11.49
N GLY A 299 10.15 -22.86 -11.02
CA GLY A 299 9.45 -21.80 -11.73
C GLY A 299 10.08 -20.45 -11.44
N GLU A 300 9.80 -19.50 -12.32
CA GLU A 300 10.34 -18.15 -12.17
C GLU A 300 9.81 -17.52 -10.88
N LEU A 301 10.73 -16.94 -10.11
CA LEU A 301 10.38 -16.18 -8.91
C LEU A 301 10.60 -14.69 -9.10
N GLU A 302 11.80 -14.30 -9.55
CA GLU A 302 12.15 -12.90 -9.73
C GLU A 302 13.08 -12.81 -10.94
N GLY A 303 12.84 -11.82 -11.79
CA GLY A 303 13.70 -11.54 -12.92
C GLY A 303 14.62 -10.37 -12.63
N ILE A 304 15.88 -10.49 -13.05
CA ILE A 304 16.89 -9.46 -12.86
C ILE A 304 17.55 -9.21 -14.20
N ALA A 305 17.26 -8.06 -14.81
CA ALA A 305 17.64 -7.78 -16.17
C ALA A 305 18.61 -6.60 -16.25
N ASN A 306 19.56 -6.70 -17.18
CA ASN A 306 20.36 -5.56 -17.63
C ASN A 306 19.63 -4.96 -18.83
N ARG A 307 18.94 -3.85 -18.59
CA ARG A 307 18.18 -3.17 -19.63
C ARG A 307 18.99 -2.11 -20.35
N THR A 308 20.31 -2.11 -20.18
CA THR A 308 21.20 -1.09 -20.75
C THR A 308 20.53 0.27 -20.73
N ASP A 309 20.70 1.06 -21.79
CA ASP A 309 20.08 2.39 -21.87
C ASP A 309 18.84 2.39 -22.75
N PHE A 310 18.26 1.21 -23.01
CA PHE A 310 17.12 1.11 -23.90
C PHE A 310 15.98 2.03 -23.48
N ASP A 311 15.60 1.98 -22.20
CA ASP A 311 14.35 2.58 -21.77
C ASP A 311 14.45 4.11 -21.71
N LEU A 312 15.52 4.64 -21.13
CA LEU A 312 15.67 6.09 -21.07
C LEU A 312 15.92 6.68 -22.45
N SER A 313 16.58 5.92 -23.34
CA SER A 313 16.84 6.40 -24.68
C SER A 313 15.54 6.55 -25.46
N THR A 314 14.70 5.52 -25.44
CA THR A 314 13.49 5.54 -26.26
C THR A 314 12.49 6.58 -25.77
N HIS A 315 12.43 6.83 -24.46
CA HIS A 315 11.51 7.85 -23.96
C HIS A 315 12.01 9.26 -24.25
N SER A 316 13.32 9.47 -24.23
CA SER A 316 13.86 10.76 -24.66
C SER A 316 13.54 11.01 -26.12
N LYS A 317 13.67 9.98 -26.96
CA LYS A 317 13.42 10.12 -28.39
C LYS A 317 11.95 10.44 -28.65
N HIS A 318 11.04 9.62 -28.12
CA HIS A 318 9.63 9.79 -28.46
C HIS A 318 9.02 11.03 -27.82
N SER A 319 9.48 11.41 -26.63
CA SER A 319 8.88 12.55 -25.93
C SER A 319 9.57 13.87 -26.26
N GLY A 320 10.82 13.84 -26.72
CA GLY A 320 11.58 15.05 -26.89
C GLY A 320 12.11 15.65 -25.61
N VAL A 321 11.99 14.94 -24.50
CA VAL A 321 12.53 15.38 -23.22
C VAL A 321 13.81 14.61 -22.93
N ASP A 322 14.89 15.33 -22.63
CA ASP A 322 16.19 14.71 -22.40
C ASP A 322 16.18 14.03 -21.03
N LEU A 323 16.31 12.70 -21.03
CA LEU A 323 16.37 11.93 -19.80
C LEU A 323 17.77 11.41 -19.49
N SER A 324 18.79 11.99 -20.14
CA SER A 324 20.17 11.67 -19.85
C SER A 324 20.60 12.33 -18.54
N TYR A 325 21.75 11.91 -18.02
CA TYR A 325 22.33 12.49 -16.82
C TYR A 325 23.60 13.26 -17.15
N TYR A 326 23.73 14.46 -16.59
CA TYR A 326 24.94 15.26 -16.72
C TYR A 326 25.72 15.18 -15.41
N ASP A 327 26.91 14.58 -15.49
CA ASP A 327 27.81 14.48 -14.34
C ASP A 327 28.65 15.75 -14.28
N GLN A 328 28.29 16.66 -13.36
CA GLN A 328 29.03 17.90 -13.25
C GLN A 328 30.49 17.65 -12.85
N ALA A 329 30.76 16.56 -12.14
CA ALA A 329 32.10 16.28 -11.67
C ALA A 329 33.07 15.91 -12.80
N THR A 330 32.56 15.56 -13.98
CA THR A 330 33.42 15.20 -15.11
C THR A 330 33.05 15.92 -16.40
N ASP A 331 32.05 16.79 -16.39
CA ASP A 331 31.57 17.45 -17.60
C ASP A 331 31.32 16.44 -18.71
N THR A 332 30.65 15.33 -18.35
CA THR A 332 30.24 14.32 -19.32
C THR A 332 28.76 14.03 -19.15
N ARG A 333 28.09 13.77 -20.26
CA ARG A 333 26.67 13.46 -20.30
C ARG A 333 26.51 12.07 -20.87
N TYR A 334 25.68 11.24 -20.24
CA TYR A 334 25.47 9.88 -20.70
C TYR A 334 24.08 9.43 -20.28
N VAL A 335 23.56 8.44 -20.99
CA VAL A 335 22.31 7.78 -20.64
C VAL A 335 22.66 6.59 -19.74
N PRO A 336 22.22 6.57 -18.48
CA PRO A 336 22.59 5.46 -17.59
C PRO A 336 22.10 4.12 -18.11
N TYR A 337 22.88 3.09 -17.83
CA TYR A 337 22.37 1.74 -17.94
C TYR A 337 21.52 1.41 -16.70
N VAL A 338 20.62 0.45 -16.87
CA VAL A 338 19.63 0.13 -15.85
C VAL A 338 19.76 -1.34 -15.47
N ILE A 339 19.93 -1.59 -14.18
CA ILE A 339 19.79 -2.94 -13.62
C ILE A 339 18.46 -2.99 -12.89
N GLU A 340 17.65 -3.99 -13.21
CA GLU A 340 16.27 -4.06 -12.72
C GLU A 340 16.01 -5.38 -12.03
N PRO A 341 16.02 -5.42 -10.70
CA PRO A 341 15.39 -6.54 -9.98
C PRO A 341 13.88 -6.34 -9.95
N ALA A 342 13.16 -7.27 -10.56
CA ALA A 342 11.69 -7.19 -10.66
C ALA A 342 11.09 -8.45 -10.05
N ALA A 343 10.57 -8.32 -8.84
CA ALA A 343 9.96 -9.42 -8.11
C ALA A 343 8.44 -9.37 -8.25
N GLY A 344 7.83 -10.53 -7.98
CA GLY A 344 6.38 -10.62 -7.90
C GLY A 344 5.94 -10.80 -6.46
N LEU A 345 5.09 -9.90 -5.97
CA LEU A 345 4.66 -10.00 -4.58
C LEU A 345 3.85 -11.26 -4.34
N THR A 346 2.85 -11.51 -5.20
CA THR A 346 2.02 -12.69 -5.02
C THR A 346 2.80 -13.96 -5.29
N ARG A 347 3.76 -13.93 -6.21
CA ARG A 347 4.56 -15.12 -6.46
C ARG A 347 5.54 -15.39 -5.31
N SER A 348 6.00 -14.34 -4.62
CA SER A 348 6.81 -14.54 -3.43
C SER A 348 5.99 -15.12 -2.29
N LEU A 349 4.74 -14.68 -2.14
CA LEU A 349 3.89 -15.25 -1.11
C LEU A 349 3.73 -16.74 -1.31
N MET A 350 3.56 -17.17 -2.56
CA MET A 350 3.45 -18.60 -2.83
C MET A 350 4.73 -19.33 -2.47
N ALA A 351 5.89 -18.72 -2.75
CA ALA A 351 7.16 -19.36 -2.42
C ALA A 351 7.37 -19.43 -0.91
N PHE A 352 7.16 -18.32 -0.20
CA PHE A 352 7.30 -18.34 1.25
C PHE A 352 6.33 -19.32 1.88
N LEU A 353 5.11 -19.41 1.35
CA LEU A 353 4.10 -20.29 1.93
C LEU A 353 4.49 -21.75 1.80
N ILE A 354 4.95 -22.15 0.61
CA ILE A 354 5.36 -23.54 0.39
C ILE A 354 6.61 -23.86 1.18
N ASP A 355 7.60 -22.98 1.13
CA ASP A 355 8.87 -23.26 1.80
C ASP A 355 8.66 -23.48 3.29
N ALA A 356 7.74 -22.72 3.89
CA ALA A 356 7.50 -22.80 5.32
C ALA A 356 6.71 -24.04 5.74
N TYR A 357 5.95 -24.64 4.82
CA TYR A 357 5.16 -25.81 5.16
C TYR A 357 6.05 -26.96 5.63
N SER A 358 5.60 -27.66 6.67
CA SER A 358 6.38 -28.76 7.23
C SER A 358 5.48 -29.66 8.05
N GLU A 359 6.00 -30.85 8.35
CA GLU A 359 5.32 -31.83 9.20
C GLU A 359 6.34 -32.50 10.10
N ASP A 360 5.94 -32.74 11.35
CA ASP A 360 6.82 -33.31 12.37
C ASP A 360 5.93 -34.01 13.39
N GLU A 361 6.49 -34.29 14.57
CA GLU A 361 5.71 -34.91 15.65
C GLU A 361 5.24 -33.82 16.62
N VAL A 369 2.87 -40.63 19.36
CA VAL A 369 3.66 -39.72 18.53
C VAL A 369 2.98 -38.36 18.45
N ASP A 370 1.86 -38.32 17.72
CA ASP A 370 1.17 -37.07 17.39
C ASP A 370 1.90 -36.29 16.31
N LYS A 371 1.30 -36.22 15.12
CA LYS A 371 1.82 -35.45 14.01
C LYS A 371 1.35 -34.00 14.11
N ARG A 372 2.12 -33.08 13.52
CA ARG A 372 1.85 -31.65 13.65
C ARG A 372 2.14 -30.93 12.34
N THR A 373 1.19 -30.12 11.90
CA THR A 373 1.34 -29.27 10.72
C THR A 373 1.76 -27.86 11.16
N VAL A 374 2.89 -27.37 10.64
CA VAL A 374 3.45 -26.10 11.08
C VAL A 374 3.96 -25.32 9.87
N LEU A 375 3.62 -24.03 9.83
CA LEU A 375 4.19 -23.08 8.89
C LEU A 375 5.33 -22.34 9.59
N ARG A 376 6.56 -22.66 9.20
CA ARG A 376 7.74 -22.12 9.88
C ARG A 376 8.14 -20.79 9.24
N PHE A 377 7.26 -19.81 9.37
CA PHE A 377 7.53 -18.48 8.85
C PHE A 377 8.63 -17.78 9.65
N ASP A 378 9.45 -17.01 8.95
CA ASP A 378 10.22 -15.98 9.61
C ASP A 378 9.26 -15.10 10.42
N PRO A 379 9.58 -14.74 11.66
CA PRO A 379 8.60 -14.00 12.47
C PRO A 379 8.15 -12.68 11.85
N ARG A 380 8.94 -12.13 10.93
CA ARG A 380 8.58 -10.87 10.29
C ARG A 380 7.51 -11.03 9.23
N LEU A 381 7.34 -12.24 8.68
CA LEU A 381 6.32 -12.48 7.68
C LEU A 381 5.05 -13.11 8.24
N ALA A 382 5.12 -13.75 9.40
CA ALA A 382 3.95 -14.45 9.93
C ALA A 382 2.79 -13.46 10.04
N PRO A 383 1.60 -13.82 9.54
CA PRO A 383 0.50 -12.86 9.58
C PRO A 383 0.01 -12.54 10.99
N VAL A 384 0.12 -13.49 11.91
CA VAL A 384 -0.26 -13.28 13.31
C VAL A 384 0.99 -13.48 14.16
N LYS A 385 1.35 -12.46 14.94
CA LYS A 385 2.59 -12.52 15.71
C LYS A 385 2.39 -13.27 17.03
N VAL A 386 1.25 -13.06 17.69
CA VAL A 386 1.00 -13.63 19.01
C VAL A 386 -0.46 -14.04 19.10
N ALA A 387 -0.68 -15.20 19.72
CA ALA A 387 -2.02 -15.64 20.08
C ALA A 387 -2.14 -15.60 21.60
N VAL A 388 -3.18 -14.96 22.11
CA VAL A 388 -3.47 -14.91 23.53
C VAL A 388 -4.54 -15.95 23.83
N LEU A 389 -4.23 -16.85 24.77
CA LEU A 389 -5.04 -18.04 25.01
C LEU A 389 -5.36 -18.18 26.49
N PRO A 390 -6.54 -17.76 26.93
CA PRO A 390 -6.96 -18.08 28.30
C PRO A 390 -7.21 -19.58 28.45
N LEU A 391 -6.74 -20.13 29.58
CA LEU A 391 -6.93 -21.56 29.82
C LEU A 391 -8.41 -21.96 29.73
N SER A 392 -9.28 -21.16 30.33
CA SER A 392 -10.71 -21.42 30.28
C SER A 392 -11.46 -20.10 30.27
N ARG A 393 -12.79 -20.20 30.18
CA ARG A 393 -13.65 -19.05 30.40
C ARG A 393 -13.75 -18.82 31.91
N HIS A 394 -13.55 -17.56 32.32
CA HIS A 394 -13.53 -17.22 33.73
C HIS A 394 -13.56 -15.71 33.86
N ALA A 395 -14.32 -15.22 34.84
CA ALA A 395 -14.49 -13.79 34.98
C ALA A 395 -13.19 -13.11 35.41
N ASP A 396 -12.25 -13.86 35.96
CA ASP A 396 -10.95 -13.31 36.33
C ASP A 396 -9.84 -13.57 35.31
N LEU A 397 -9.91 -14.66 34.54
CA LEU A 397 -8.88 -14.92 33.54
C LEU A 397 -9.16 -14.18 32.23
N SER A 398 -10.41 -14.16 31.80
CA SER A 398 -10.72 -13.57 30.50
C SER A 398 -10.39 -12.09 30.46
N PRO A 399 -10.75 -11.28 31.45
CA PRO A 399 -10.36 -9.85 31.39
C PRO A 399 -8.86 -9.66 31.31
N LYS A 400 -8.10 -10.36 32.15
CA LYS A 400 -6.65 -10.24 32.10
C LYS A 400 -6.12 -10.61 30.72
N ALA A 401 -6.75 -11.61 30.08
CA ALA A 401 -6.27 -12.05 28.77
C ALA A 401 -6.60 -11.02 27.71
N ARG A 402 -7.82 -10.48 27.73
CA ARG A 402 -8.20 -9.46 26.74
C ARG A 402 -7.42 -8.17 26.96
N ASP A 403 -7.16 -7.82 28.22
CA ASP A 403 -6.33 -6.65 28.48
C ASP A 403 -4.93 -6.84 27.90
N LEU A 404 -4.39 -8.05 28.00
CA LEU A 404 -3.07 -8.31 27.43
C LEU A 404 -3.11 -8.29 25.91
N ALA A 405 -4.13 -8.91 25.31
CA ALA A 405 -4.24 -8.88 23.86
C ALA A 405 -4.36 -7.45 23.35
N ALA A 406 -5.03 -6.58 24.12
CA ALA A 406 -5.15 -5.19 23.71
C ALA A 406 -3.81 -4.48 23.76
N GLU A 407 -3.02 -4.70 24.81
CA GLU A 407 -1.71 -4.08 24.87
C GLU A 407 -0.86 -4.50 23.69
N LEU A 408 -0.95 -5.77 23.29
CA LEU A 408 -0.12 -6.27 22.20
C LEU A 408 -0.60 -5.78 20.86
N ARG A 409 -1.91 -5.58 20.69
CA ARG A 409 -2.44 -5.04 19.44
C ARG A 409 -1.95 -3.64 19.15
N GLN A 410 -1.36 -2.94 20.14
CA GLN A 410 -0.71 -1.67 19.85
C GLN A 410 0.45 -1.81 18.89
N HIS A 411 1.04 -3.00 18.81
CA HIS A 411 2.26 -3.20 18.04
C HIS A 411 2.11 -4.23 16.94
N TRP A 412 1.34 -5.29 17.16
CA TRP A 412 1.33 -6.43 16.28
C TRP A 412 -0.09 -6.91 16.04
N ASN A 413 -0.27 -7.60 14.92
CA ASN A 413 -1.50 -8.32 14.68
C ASN A 413 -1.57 -9.50 15.63
N VAL A 414 -2.67 -9.61 16.36
CA VAL A 414 -2.81 -10.57 17.44
C VAL A 414 -4.12 -11.32 17.25
N GLU A 415 -4.13 -12.60 17.60
CA GLU A 415 -5.35 -13.39 17.64
C GLU A 415 -5.66 -13.77 19.08
N PHE A 416 -6.93 -13.67 19.43
CA PHE A 416 -7.43 -14.09 20.73
C PHE A 416 -8.36 -15.27 20.47
N ASP A 417 -8.13 -16.38 21.17
CA ASP A 417 -8.88 -17.60 20.93
C ASP A 417 -9.17 -18.25 22.27
N ASP A 418 -10.45 -18.28 22.66
CA ASP A 418 -10.90 -18.95 23.87
C ASP A 418 -11.74 -20.20 23.57
N ALA A 419 -11.69 -20.69 22.33
CA ALA A 419 -12.56 -21.79 21.90
C ALA A 419 -11.81 -23.12 22.01
N GLY A 420 -12.32 -24.00 22.86
CA GLY A 420 -11.81 -25.36 22.95
C GLY A 420 -10.60 -25.50 23.84
N ALA A 421 -10.11 -26.74 23.91
CA ALA A 421 -8.95 -27.06 24.73
C ALA A 421 -7.70 -26.36 24.19
N ILE A 422 -6.74 -26.16 25.08
CA ILE A 422 -5.60 -25.29 24.77
C ILE A 422 -4.71 -25.95 23.72
N GLY A 423 -4.54 -27.27 23.78
CA GLY A 423 -3.72 -27.95 22.78
C GLY A 423 -4.32 -27.85 21.40
N ARG A 424 -5.64 -27.85 21.31
CA ARG A 424 -6.31 -27.61 20.03
C ARG A 424 -6.02 -26.21 19.54
N ARG A 425 -5.94 -25.24 20.44
CA ARG A 425 -5.67 -23.87 20.05
C ARG A 425 -4.20 -23.66 19.68
N TYR A 426 -3.28 -24.41 20.30
CA TYR A 426 -1.88 -24.37 19.87
C TYR A 426 -1.75 -24.84 18.43
N ARG A 427 -2.38 -25.97 18.10
CA ARG A 427 -2.28 -26.51 16.75
C ARG A 427 -2.90 -25.54 15.74
N ARG A 428 -3.98 -24.87 16.12
CA ARG A 428 -4.62 -23.93 15.19
C ARG A 428 -3.66 -22.80 14.84
N GLN A 429 -2.87 -22.34 15.82
CA GLN A 429 -1.91 -21.27 15.55
C GLN A 429 -0.69 -21.77 14.80
N ASP A 430 -0.15 -22.94 15.18
CA ASP A 430 0.97 -23.50 14.44
C ASP A 430 0.64 -23.68 12.97
N GLU A 431 -0.62 -24.00 12.67
CA GLU A 431 -1.04 -24.30 11.32
C GLU A 431 -0.94 -23.08 10.40
N VAL A 432 -1.01 -21.88 10.95
CA VAL A 432 -0.88 -20.64 10.18
C VAL A 432 0.42 -19.91 10.49
N GLY A 433 1.30 -20.51 11.28
CA GLY A 433 2.64 -19.99 11.44
C GLY A 433 2.84 -18.98 12.55
N THR A 434 1.90 -18.87 13.49
CA THR A 434 2.05 -17.87 14.54
C THR A 434 3.29 -18.19 15.38
N PRO A 435 4.23 -17.25 15.53
CA PRO A 435 5.49 -17.58 16.22
C PRO A 435 5.32 -17.84 17.72
N TYR A 436 4.39 -17.17 18.39
CA TYR A 436 4.31 -17.26 19.84
C TYR A 436 2.87 -17.32 20.32
N CYS A 437 2.62 -18.22 21.26
CA CYS A 437 1.34 -18.31 21.96
C CYS A 437 1.54 -17.93 23.42
N VAL A 438 0.67 -17.06 23.93
CA VAL A 438 0.71 -16.62 25.32
C VAL A 438 -0.51 -17.20 26.01
N THR A 439 -0.28 -17.98 27.07
CA THR A 439 -1.35 -18.62 27.82
C THR A 439 -1.52 -17.95 29.17
N VAL A 440 -2.76 -17.61 29.50
CA VAL A 440 -3.11 -17.04 30.80
C VAL A 440 -3.87 -18.11 31.57
N ASP A 441 -3.32 -18.54 32.71
CA ASP A 441 -3.89 -19.58 33.54
C ASP A 441 -4.18 -19.03 34.93
N PHE A 442 -4.52 -19.94 35.86
CA PHE A 442 -4.89 -19.51 37.21
C PHE A 442 -3.69 -19.03 38.01
N ASP A 443 -2.51 -19.62 37.77
CA ASP A 443 -1.31 -19.10 38.40
C ASP A 443 -1.06 -17.65 38.02
N SER A 444 -1.51 -17.23 36.83
CA SER A 444 -1.32 -15.84 36.42
C SER A 444 -1.97 -14.87 37.40
N LEU A 445 -3.07 -15.29 38.02
CA LEU A 445 -3.76 -14.45 38.99
C LEU A 445 -2.93 -14.26 40.26
N GLU A 446 -2.04 -15.19 40.57
CA GLU A 446 -1.23 -15.11 41.79
C GLU A 446 0.10 -14.43 41.56
N ASP A 447 0.74 -14.65 40.41
CA ASP A 447 2.06 -14.11 40.13
C ASP A 447 2.09 -13.16 38.95
N ASN A 448 0.96 -12.92 38.29
CA ASN A 448 0.89 -11.94 37.20
C ASN A 448 1.89 -12.28 36.10
N ALA A 449 1.99 -13.55 35.77
CA ALA A 449 2.90 -14.03 34.74
C ALA A 449 2.14 -14.98 33.83
N VAL A 450 2.64 -15.10 32.60
CA VAL A 450 2.00 -15.91 31.57
C VAL A 450 3.03 -16.90 31.03
N THR A 451 2.52 -17.92 30.35
CA THR A 451 3.38 -18.86 29.64
C THR A 451 3.52 -18.42 28.20
N VAL A 452 4.74 -18.46 27.68
CA VAL A 452 5.01 -18.10 26.28
C VAL A 452 5.59 -19.32 25.60
N ARG A 453 4.92 -19.78 24.55
CA ARG A 453 5.29 -20.99 23.83
C ARG A 453 5.83 -20.61 22.46
N GLU A 454 7.02 -21.11 22.14
CA GLU A 454 7.65 -20.86 20.84
C GLU A 454 7.16 -21.90 19.85
N ARG A 455 6.76 -21.44 18.66
CA ARG A 455 6.07 -22.30 17.73
C ARG A 455 6.88 -23.56 17.40
N ASP A 456 8.14 -23.39 17.00
CA ASP A 456 8.89 -24.50 16.43
C ASP A 456 9.34 -25.50 17.49
N SER A 457 9.97 -25.01 18.57
CA SER A 457 10.45 -25.90 19.61
C SER A 457 9.33 -26.38 20.51
N MET A 458 8.26 -25.59 20.64
CA MET A 458 7.18 -25.80 21.61
C MET A 458 7.66 -25.59 23.04
N ALA A 459 8.89 -25.13 23.22
CA ALA A 459 9.38 -24.80 24.55
C ALA A 459 8.54 -23.70 25.16
N GLN A 460 8.38 -23.75 26.48
CA GLN A 460 7.57 -22.79 27.21
C GLN A 460 8.42 -22.11 28.27
N GLU A 461 8.16 -20.82 28.47
CA GLU A 461 8.85 -20.03 29.48
C GLU A 461 7.82 -19.11 30.13
N ARG A 462 7.97 -18.87 31.43
CA ARG A 462 7.02 -18.06 32.16
C ARG A 462 7.58 -16.65 32.34
N ILE A 463 6.78 -15.66 31.97
CA ILE A 463 7.22 -14.28 31.83
C ILE A 463 6.24 -13.37 32.54
N SER A 464 6.76 -12.44 33.34
CA SER A 464 5.92 -11.43 33.96
C SER A 464 5.16 -10.65 32.89
N ILE A 465 3.91 -10.30 33.19
CA ILE A 465 3.06 -9.68 32.18
C ILE A 465 3.64 -8.34 31.73
N ASP A 466 4.23 -7.58 32.65
CA ASP A 466 4.79 -6.28 32.31
C ASP A 466 6.12 -6.37 31.57
N GLN A 467 6.60 -7.57 31.26
CA GLN A 467 7.78 -7.75 30.42
C GLN A 467 7.48 -8.52 29.15
N VAL A 468 6.23 -8.93 28.92
CA VAL A 468 5.92 -9.78 27.78
C VAL A 468 6.11 -9.00 26.48
N THR A 469 5.73 -7.73 26.45
CA THR A 469 5.87 -6.93 25.24
C THR A 469 7.34 -6.83 24.81
N ASP A 470 8.21 -6.47 25.76
CA ASP A 470 9.63 -6.38 25.44
C ASP A 470 10.19 -7.76 25.09
N TYR A 471 9.71 -8.80 25.78
CA TYR A 471 10.17 -10.15 25.51
C TYR A 471 9.85 -10.56 24.09
N LEU A 472 8.65 -10.22 23.61
CA LEU A 472 8.24 -10.58 22.25
C LEU A 472 8.87 -9.67 21.20
N ALA A 473 9.18 -8.42 21.57
CA ALA A 473 9.71 -7.48 20.58
C ALA A 473 11.06 -7.96 20.04
N VAL A 474 11.93 -8.49 20.90
CA VAL A 474 13.24 -8.91 20.44
C VAL A 474 13.16 -10.18 19.62
N ARG A 475 12.15 -11.02 19.87
CA ARG A 475 12.00 -12.26 19.13
C ARG A 475 11.20 -12.10 17.85
N LEU A 476 10.44 -11.02 17.70
CA LEU A 476 9.66 -10.79 16.49
C LEU A 476 10.42 -9.99 15.45
N LYS A 477 11.42 -9.19 15.85
CA LYS A 477 12.35 -8.57 14.91
C LYS A 477 11.64 -7.67 13.90
N GLY A 478 10.50 -7.11 14.28
CA GLY A 478 9.76 -6.22 13.40
C GLY A 478 8.30 -6.04 13.80
N CYS A 479 7.74 -4.86 13.54
CA CYS A 479 6.36 -4.56 13.90
C CYS A 479 5.60 -3.94 12.73
N ALA B 22 -2.30 34.98 -3.84
CA ALA B 22 -2.02 33.59 -4.17
C ALA B 22 -2.58 32.66 -3.09
N SER B 23 -3.43 31.72 -3.50
CA SER B 23 -4.18 30.92 -2.54
C SER B 23 -3.26 29.89 -1.86
N ILE B 24 -3.83 29.20 -0.87
CA ILE B 24 -3.07 28.20 -0.12
C ILE B 24 -3.03 26.86 -0.86
N ILE B 25 -4.12 26.49 -1.54
CA ILE B 25 -4.10 25.25 -2.31
C ILE B 25 -3.00 25.31 -3.37
N ASP B 26 -2.95 26.39 -4.14
CA ASP B 26 -1.91 26.53 -5.16
C ASP B 26 -0.53 26.50 -4.52
N THR B 27 -0.36 27.21 -3.39
CA THR B 27 0.93 27.20 -2.72
C THR B 27 1.33 25.78 -2.31
N VAL B 28 0.39 25.04 -1.72
CA VAL B 28 0.69 23.68 -1.29
C VAL B 28 0.94 22.78 -2.50
N ALA B 29 0.12 22.92 -3.54
CA ALA B 29 0.31 22.13 -4.75
C ALA B 29 1.68 22.42 -5.37
N ASN B 30 2.11 23.69 -5.34
CA ASN B 30 3.42 24.03 -5.90
C ASN B 30 4.54 23.45 -5.05
N LEU B 31 4.41 23.52 -3.72
CA LEU B 31 5.41 22.90 -2.84
C LEU B 31 5.51 21.41 -3.11
N ALA B 32 4.36 20.73 -3.23
CA ALA B 32 4.36 19.29 -3.42
C ALA B 32 5.10 18.91 -4.70
N LYS B 33 4.88 19.65 -5.79
CA LYS B 33 5.55 19.34 -7.05
C LYS B 33 7.05 19.62 -6.97
N ARG B 34 7.41 20.75 -6.37
CA ARG B 34 8.81 21.15 -6.33
C ARG B 34 9.66 20.18 -5.49
N ARG B 35 9.12 19.68 -4.39
CA ARG B 35 9.87 18.79 -3.51
C ARG B 35 9.60 17.32 -3.80
N GLY B 36 8.85 17.00 -4.84
CA GLY B 36 8.67 15.62 -5.25
C GLY B 36 7.70 14.82 -4.40
N PHE B 37 6.66 15.45 -3.85
CA PHE B 37 5.55 14.67 -3.32
C PHE B 37 4.74 14.06 -4.46
N VAL B 38 4.47 14.84 -5.51
CA VAL B 38 3.69 14.38 -6.65
C VAL B 38 4.37 14.82 -7.94
N TYR B 39 4.22 14.01 -8.98
CA TYR B 39 4.47 14.40 -10.36
C TYR B 39 3.23 14.03 -11.17
N GLN B 40 2.98 14.79 -12.23
CA GLN B 40 1.90 14.42 -13.14
C GLN B 40 2.32 13.19 -13.93
N SER B 41 1.46 12.17 -13.96
CA SER B 41 1.79 10.92 -14.64
C SER B 41 2.02 11.17 -16.12
N GLY B 42 3.10 10.59 -16.66
CA GLY B 42 3.44 10.79 -18.05
C GLY B 42 3.70 12.23 -18.42
N GLU B 43 4.20 13.03 -17.47
CA GLU B 43 4.50 14.43 -17.72
C GLU B 43 5.16 14.67 -19.06
N ILE B 44 6.20 13.89 -19.37
CA ILE B 44 6.99 14.14 -20.57
C ILE B 44 6.17 13.99 -21.85
N TYR B 45 5.04 13.28 -21.77
CA TYR B 45 4.14 13.10 -22.90
C TYR B 45 2.89 13.96 -22.78
N GLY B 46 2.87 14.90 -21.83
CA GLY B 46 1.68 15.69 -21.59
C GLY B 46 0.85 15.12 -20.46
N GLY B 47 0.86 15.79 -19.31
CA GLY B 47 0.17 15.28 -18.15
C GLY B 47 -1.08 16.07 -17.82
N THR B 48 -1.98 15.46 -17.06
CA THR B 48 -3.23 16.09 -16.65
C THR B 48 -3.40 15.91 -15.16
N ARG B 49 -4.37 16.63 -14.60
CA ARG B 49 -4.66 16.52 -13.17
C ARG B 49 -5.47 15.29 -12.82
N SER B 50 -5.86 14.48 -13.80
CA SER B 50 -6.62 13.27 -13.55
C SER B 50 -5.73 12.06 -13.27
N ALA B 51 -4.42 12.21 -13.35
CA ALA B 51 -3.49 11.12 -13.05
C ALA B 51 -2.20 11.69 -12.49
N TRP B 52 -1.83 11.25 -11.30
CA TRP B 52 -0.63 11.71 -10.61
C TRP B 52 0.22 10.54 -10.17
N ASP B 53 1.53 10.73 -10.22
CA ASP B 53 2.49 9.86 -9.55
C ASP B 53 2.91 10.51 -8.24
N TYR B 54 3.40 9.69 -7.33
CA TYR B 54 3.85 10.15 -6.02
C TYR B 54 5.34 9.87 -5.88
N GLY B 55 6.12 10.92 -5.65
CA GLY B 55 7.55 10.82 -5.63
C GLY B 55 8.08 10.30 -4.31
N PRO B 56 9.41 10.37 -4.13
CA PRO B 56 10.01 9.79 -2.92
C PRO B 56 9.33 10.20 -1.63
N LEU B 57 9.04 11.50 -1.45
CA LEU B 57 8.36 11.94 -0.24
C LEU B 57 6.88 11.58 -0.27
N GLY B 58 6.25 11.65 -1.44
CA GLY B 58 4.82 11.40 -1.52
C GLY B 58 4.47 9.95 -1.23
N VAL B 59 5.27 9.01 -1.72
CA VAL B 59 4.96 7.61 -1.52
C VAL B 59 5.12 7.21 -0.06
N GLU B 60 6.08 7.82 0.64
CA GLU B 60 6.22 7.53 2.06
C GLU B 60 5.06 8.11 2.86
N LEU B 61 4.67 9.36 2.56
CA LEU B 61 3.52 9.95 3.23
C LEU B 61 2.27 9.12 2.99
N LYS B 62 2.06 8.71 1.74
CA LYS B 62 0.87 7.92 1.41
C LYS B 62 0.87 6.59 2.15
N GLU B 63 2.02 5.90 2.19
CA GLU B 63 2.09 4.63 2.89
C GLU B 63 1.90 4.81 4.39
N ASN B 64 2.42 5.91 4.94
CA ASN B 64 2.25 6.17 6.37
C ASN B 64 0.78 6.38 6.71
N ILE B 65 0.05 7.12 5.87
CA ILE B 65 -1.38 7.31 6.09
C ILE B 65 -2.10 5.96 6.01
N LYS B 66 -1.79 5.19 4.96
CA LYS B 66 -2.37 3.86 4.81
C LYS B 66 -2.10 3.00 6.03
N ARG B 67 -0.85 3.04 6.53
CA ARG B 67 -0.47 2.20 7.65
C ARG B 67 -1.23 2.60 8.91
N GLN B 68 -1.41 3.90 9.14
CA GLN B 68 -2.16 4.35 10.31
C GLN B 68 -3.63 3.97 10.21
N TRP B 69 -4.19 4.03 9.00
CA TRP B 69 -5.57 3.59 8.82
C TRP B 69 -5.70 2.10 9.13
N TRP B 70 -4.77 1.29 8.64
CA TRP B 70 -4.84 -0.15 8.86
C TRP B 70 -4.66 -0.49 10.33
N LYS B 71 -3.77 0.22 11.03
CA LYS B 71 -3.58 -0.02 12.46
C LYS B 71 -4.84 0.31 13.23
N SER B 72 -5.44 1.47 12.94
CA SER B 72 -6.65 1.88 13.66
C SER B 72 -7.83 0.96 13.36
N MET B 73 -7.95 0.50 12.12
CA MET B 73 -9.11 -0.26 11.68
C MET B 73 -8.97 -1.74 11.98
N VAL B 74 -7.82 -2.32 11.68
CA VAL B 74 -7.65 -3.77 11.65
C VAL B 74 -6.81 -4.26 12.83
N THR B 75 -5.58 -3.75 12.96
CA THR B 75 -4.65 -4.33 13.92
C THR B 75 -5.11 -4.10 15.34
N ALA B 76 -5.65 -2.91 15.63
CA ALA B 76 -6.01 -2.54 16.99
C ALA B 76 -7.39 -3.03 17.41
N ARG B 77 -8.20 -3.56 16.50
CA ARG B 77 -9.58 -3.91 16.80
C ARG B 77 -9.80 -5.41 16.64
N GLU B 78 -10.31 -6.05 17.71
CA GLU B 78 -10.72 -7.44 17.61
C GLU B 78 -11.85 -7.63 16.61
N ASP B 79 -12.75 -6.65 16.48
CA ASP B 79 -13.97 -6.83 15.72
C ASP B 79 -13.81 -6.52 14.24
N VAL B 80 -12.59 -6.24 13.76
CA VAL B 80 -12.36 -5.93 12.36
C VAL B 80 -11.19 -6.75 11.85
N VAL B 81 -11.36 -7.36 10.68
CA VAL B 81 -10.31 -8.11 10.01
C VAL B 81 -10.10 -7.52 8.62
N GLY B 82 -9.00 -7.92 7.99
CA GLY B 82 -8.59 -7.35 6.72
C GLY B 82 -8.85 -8.28 5.54
N ILE B 83 -8.77 -7.69 4.35
CA ILE B 83 -8.90 -8.45 3.11
C ILE B 83 -8.26 -7.63 1.99
N ASP B 84 -7.95 -8.30 0.87
CA ASP B 84 -7.45 -7.62 -0.33
C ASP B 84 -8.00 -8.36 -1.53
N THR B 85 -8.84 -7.69 -2.32
CA THR B 85 -9.56 -8.33 -3.41
C THR B 85 -9.13 -7.75 -4.76
N SER B 86 -9.49 -8.48 -5.81
CA SER B 86 -9.04 -8.14 -7.15
C SER B 86 -9.69 -6.85 -7.64
N ILE B 87 -8.92 -6.06 -8.38
CA ILE B 87 -9.46 -4.90 -9.07
C ILE B 87 -10.49 -5.33 -10.09
N ILE B 88 -10.30 -6.50 -10.69
CA ILE B 88 -11.17 -7.01 -11.74
C ILE B 88 -11.87 -8.25 -11.20
N LEU B 89 -13.18 -8.13 -11.00
CA LEU B 89 -14.04 -9.22 -10.54
C LEU B 89 -14.87 -9.74 -11.70
N PRO B 90 -15.54 -10.88 -11.52
CA PRO B 90 -16.49 -11.33 -12.54
C PRO B 90 -17.49 -10.23 -12.88
N ARG B 91 -17.86 -10.17 -14.16
CA ARG B 91 -18.77 -9.13 -14.62
C ARG B 91 -20.09 -9.15 -13.84
N GLU B 92 -20.60 -10.35 -13.54
CA GLU B 92 -21.90 -10.46 -12.87
C GLU B 92 -21.92 -9.69 -11.55
N VAL B 93 -20.76 -9.49 -10.93
CA VAL B 93 -20.71 -8.79 -9.64
C VAL B 93 -21.37 -7.41 -9.75
N TRP B 94 -21.02 -6.67 -10.80
CA TRP B 94 -21.49 -5.29 -10.94
C TRP B 94 -22.87 -5.22 -11.59
N VAL B 95 -23.35 -6.32 -12.16
CA VAL B 95 -24.77 -6.41 -12.50
C VAL B 95 -25.60 -6.52 -11.22
N ALA B 96 -25.24 -7.47 -10.36
CA ALA B 96 -25.96 -7.65 -9.11
C ALA B 96 -25.94 -6.38 -8.26
N SER B 97 -24.79 -5.69 -8.22
CA SER B 97 -24.65 -4.53 -7.37
C SER B 97 -25.45 -3.33 -7.84
N GLY B 98 -25.95 -3.36 -9.08
CA GLY B 98 -26.68 -2.24 -9.63
C GLY B 98 -25.82 -1.19 -10.31
N HIS B 99 -24.50 -1.38 -10.35
CA HIS B 99 -23.64 -0.35 -10.93
C HIS B 99 -23.78 -0.30 -12.44
N VAL B 100 -23.98 -1.44 -13.10
CA VAL B 100 -24.17 -1.46 -14.54
C VAL B 100 -25.34 -0.56 -14.94
N ASP B 101 -26.44 -0.65 -14.20
CA ASP B 101 -27.67 0.02 -14.59
C ASP B 101 -27.79 1.43 -14.05
N VAL B 102 -27.18 1.72 -12.89
CA VAL B 102 -27.46 2.94 -12.15
C VAL B 102 -26.26 3.86 -12.03
N PHE B 103 -25.05 3.40 -12.34
CA PHE B 103 -23.84 4.16 -12.07
C PHE B 103 -23.47 4.94 -13.33
N HIS B 104 -24.21 6.03 -13.55
CA HIS B 104 -24.05 6.85 -14.75
C HIS B 104 -24.41 8.29 -14.41
N ASP B 105 -24.07 9.19 -15.32
CA ASP B 105 -24.30 10.61 -15.19
C ASP B 105 -24.97 11.16 -16.43
N PRO B 106 -25.67 12.29 -16.31
CA PRO B 106 -26.24 12.95 -17.50
C PRO B 106 -25.14 13.65 -18.29
N LEU B 107 -25.00 13.29 -19.56
CA LEU B 107 -23.89 13.73 -20.39
C LEU B 107 -24.44 14.33 -21.68
N VAL B 108 -24.09 15.59 -21.96
CA VAL B 108 -24.59 16.30 -23.13
C VAL B 108 -23.38 16.80 -23.92
N GLU B 109 -23.58 16.96 -25.23
CA GLU B 109 -22.54 17.39 -26.16
C GLU B 109 -22.94 18.73 -26.78
N CYS B 110 -21.99 19.66 -26.82
CA CYS B 110 -22.24 20.97 -27.43
C CYS B 110 -22.31 20.80 -28.95
N LEU B 111 -23.44 21.21 -29.54
CA LEU B 111 -23.64 21.11 -30.98
C LEU B 111 -22.75 22.08 -31.78
N ASN B 112 -21.82 22.78 -31.14
CA ASN B 112 -20.94 23.75 -31.78
C ASN B 112 -19.49 23.30 -31.78
N CYS B 113 -18.95 22.92 -30.61
CA CYS B 113 -17.59 22.42 -30.52
C CYS B 113 -17.50 20.92 -30.26
N HIS B 114 -18.57 20.31 -29.75
CA HIS B 114 -18.67 18.87 -29.50
C HIS B 114 -17.84 18.43 -28.30
N ARG B 115 -17.43 19.38 -27.45
CA ARG B 115 -16.92 19.01 -26.14
C ARG B 115 -18.06 18.47 -25.28
N ARG B 116 -17.71 17.63 -24.31
CA ARG B 116 -18.68 16.96 -23.46
C ARG B 116 -18.60 17.50 -22.03
N TYR B 117 -19.77 17.61 -21.39
CA TYR B 117 -19.85 18.08 -20.01
C TYR B 117 -21.03 17.38 -19.32
N ARG B 118 -21.04 17.45 -18.00
CA ARG B 118 -22.04 16.78 -17.18
C ARG B 118 -22.90 17.83 -16.48
N ALA B 119 -24.19 17.85 -16.81
CA ALA B 119 -25.14 18.75 -16.15
C ALA B 119 -25.21 18.45 -14.65
N GLU B 140 -31.41 26.80 -23.15
CA GLU B 140 -30.74 27.38 -22.00
C GLU B 140 -29.30 26.87 -21.89
N VAL B 141 -28.58 27.34 -20.86
CA VAL B 141 -27.22 26.90 -20.60
C VAL B 141 -26.27 27.45 -21.66
N VAL B 142 -25.02 27.70 -21.28
CA VAL B 142 -23.99 28.18 -22.19
C VAL B 142 -22.75 27.32 -22.02
N CYS B 143 -21.96 27.21 -23.09
CA CYS B 143 -20.81 26.31 -23.09
C CYS B 143 -19.60 27.00 -22.46
N PRO B 144 -18.91 26.34 -21.53
CA PRO B 144 -17.74 26.98 -20.89
C PRO B 144 -16.51 27.09 -21.77
N ASP B 145 -16.56 26.67 -23.04
CA ASP B 145 -15.40 26.74 -23.93
C ASP B 145 -15.65 27.54 -25.20
N CYS B 146 -16.89 27.61 -25.70
CA CYS B 146 -17.19 28.40 -26.89
C CYS B 146 -18.30 29.42 -26.70
N GLY B 147 -18.99 29.41 -25.56
CA GLY B 147 -20.09 30.32 -25.37
C GLY B 147 -21.18 30.15 -26.40
N THR B 148 -22.07 29.18 -26.17
CA THR B 148 -23.20 28.95 -27.07
C THR B 148 -24.25 28.14 -26.33
N LYS B 149 -25.52 28.43 -26.63
CA LYS B 149 -26.63 27.73 -26.03
C LYS B 149 -27.40 26.91 -27.07
N TRP B 152 -27.15 22.16 -27.87
CA TRP B 152 -27.02 21.09 -26.87
C TRP B 152 -27.81 19.85 -27.28
N THR B 153 -27.19 18.69 -27.14
CA THR B 153 -27.82 17.43 -27.48
C THR B 153 -28.66 16.94 -26.31
N GLU B 154 -29.47 15.90 -26.57
CA GLU B 154 -30.25 15.29 -25.52
C GLU B 154 -29.31 14.61 -24.51
N PRO B 155 -29.66 14.63 -23.23
CA PRO B 155 -28.76 14.05 -22.21
C PRO B 155 -28.66 12.55 -22.36
N ARG B 156 -27.45 12.07 -22.63
CA ARG B 156 -27.16 10.66 -22.71
C ARG B 156 -26.62 10.16 -21.37
N GLU B 157 -27.12 9.02 -20.93
CA GLU B 157 -26.60 8.37 -19.73
C GLU B 157 -25.28 7.70 -20.05
N PHE B 158 -24.22 8.06 -19.32
CA PHE B 158 -22.88 7.53 -19.53
C PHE B 158 -22.43 6.81 -18.26
N ASN B 159 -22.18 5.52 -18.38
CA ASN B 159 -21.73 4.75 -17.23
C ASN B 159 -20.30 5.14 -16.87
N MET B 160 -20.06 5.33 -15.58
CA MET B 160 -18.80 5.84 -15.08
C MET B 160 -17.73 4.76 -14.93
N MET B 161 -18.08 3.50 -15.16
CA MET B 161 -17.13 2.41 -14.95
C MET B 161 -16.24 2.23 -16.16
N LEU B 162 -14.96 1.91 -15.90
CA LEU B 162 -14.01 1.64 -16.96
C LEU B 162 -14.10 0.18 -17.38
N LYS B 163 -14.05 -0.05 -18.69
CA LYS B 163 -14.15 -1.37 -19.26
C LYS B 163 -12.77 -1.91 -19.63
N THR B 164 -12.69 -3.24 -19.68
CA THR B 164 -11.55 -3.94 -20.24
C THR B 164 -12.04 -5.27 -20.78
N TYR B 165 -11.17 -5.94 -21.53
CA TYR B 165 -11.51 -7.19 -22.18
C TYR B 165 -10.46 -8.24 -21.84
N LEU B 166 -10.91 -9.38 -21.34
CA LEU B 166 -10.03 -10.46 -20.92
C LEU B 166 -10.17 -11.63 -21.88
N GLY B 167 -9.05 -12.25 -22.22
CA GLY B 167 -9.04 -13.34 -23.17
C GLY B 167 -8.81 -12.85 -24.58
N PRO B 168 -8.76 -13.80 -25.54
CA PRO B 168 -8.44 -13.42 -26.93
C PRO B 168 -9.57 -12.68 -27.62
N ILE B 169 -10.77 -13.24 -27.56
CA ILE B 169 -11.94 -12.60 -28.14
C ILE B 169 -12.19 -11.28 -27.42
N GLU B 170 -11.99 -10.17 -28.14
CA GLU B 170 -12.31 -8.84 -27.61
C GLU B 170 -13.78 -8.61 -27.94
N SER B 171 -14.65 -9.09 -27.04
CA SER B 171 -16.07 -9.13 -27.31
C SER B 171 -16.81 -8.90 -26.00
N ASP B 172 -18.15 -8.85 -26.10
CA ASP B 172 -18.96 -8.67 -24.89
C ASP B 172 -18.82 -9.83 -23.91
N GLU B 173 -18.42 -11.02 -24.38
CA GLU B 173 -18.26 -12.15 -23.49
C GLU B 173 -17.13 -11.91 -22.49
N GLY B 174 -16.00 -11.41 -22.97
CA GLY B 174 -14.86 -11.14 -22.13
C GLY B 174 -14.83 -9.76 -21.55
N LEU B 175 -15.93 -9.01 -21.62
CA LEU B 175 -15.98 -7.67 -21.04
C LEU B 175 -15.99 -7.75 -19.52
N HIS B 176 -15.07 -7.03 -18.89
CA HIS B 176 -15.06 -6.86 -17.45
C HIS B 176 -14.93 -5.37 -17.13
N TYR B 177 -15.31 -5.01 -15.92
CA TYR B 177 -15.22 -3.64 -15.44
C TYR B 177 -14.11 -3.55 -14.40
N LEU B 178 -13.31 -2.49 -14.48
CA LEU B 178 -12.48 -2.13 -13.33
C LEU B 178 -13.40 -1.65 -12.22
N ARG B 179 -13.11 -2.08 -11.00
CA ARG B 179 -14.04 -1.82 -9.92
C ARG B 179 -14.15 -0.32 -9.66
N PRO B 180 -15.37 0.24 -9.57
CA PRO B 180 -15.50 1.63 -9.12
C PRO B 180 -15.43 1.79 -7.61
N GLU B 181 -15.57 0.70 -6.86
CA GLU B 181 -15.41 0.71 -5.41
C GLU B 181 -14.81 -0.63 -5.00
N THR B 182 -14.17 -0.64 -3.84
CA THR B 182 -13.60 -1.88 -3.31
C THR B 182 -14.62 -2.68 -2.51
N ALA B 183 -15.82 -2.14 -2.28
CA ALA B 183 -16.75 -2.75 -1.34
C ALA B 183 -17.25 -4.11 -1.84
N GLN B 184 -17.46 -4.25 -3.16
CA GLN B 184 -18.07 -5.48 -3.65
C GLN B 184 -17.17 -6.69 -3.46
N GLY B 185 -15.85 -6.49 -3.45
CA GLY B 185 -14.95 -7.59 -3.15
C GLY B 185 -15.10 -8.07 -1.72
N ILE B 186 -15.49 -7.17 -0.82
CA ILE B 186 -15.74 -7.56 0.57
C ILE B 186 -17.05 -8.35 0.67
N PHE B 187 -18.13 -7.80 0.12
CA PHE B 187 -19.44 -8.43 0.26
C PHE B 187 -19.42 -9.85 -0.27
N THR B 188 -18.83 -10.07 -1.44
CA THR B 188 -18.84 -11.40 -2.05
C THR B 188 -18.04 -12.41 -1.24
N ASN B 189 -17.19 -11.94 -0.31
CA ASN B 189 -16.43 -12.83 0.57
C ASN B 189 -16.97 -12.84 2.00
N PHE B 190 -18.14 -12.27 2.24
CA PHE B 190 -18.66 -12.18 3.61
C PHE B 190 -18.76 -13.56 4.23
N ALA B 191 -19.39 -14.51 3.54
CA ALA B 191 -19.54 -15.85 4.11
C ALA B 191 -18.18 -16.53 4.28
N ASN B 192 -17.27 -16.34 3.32
CA ASN B 192 -15.95 -16.91 3.42
C ASN B 192 -15.22 -16.41 4.67
N VAL B 193 -15.36 -15.13 4.97
CA VAL B 193 -14.63 -14.55 6.10
C VAL B 193 -15.27 -15.00 7.42
N VAL B 194 -16.59 -14.97 7.50
CA VAL B 194 -17.28 -15.50 8.68
C VAL B 194 -16.76 -16.89 9.01
N THR B 195 -16.55 -17.72 7.98
CA THR B 195 -16.11 -19.09 8.20
C THR B 195 -14.67 -19.13 8.70
N THR B 196 -13.72 -18.62 7.91
CA THR B 196 -12.30 -18.80 8.25
C THR B 196 -11.91 -17.95 9.45
N ALA B 197 -12.52 -16.78 9.61
CA ALA B 197 -12.16 -15.88 10.69
C ALA B 197 -12.99 -16.12 11.95
N ARG B 198 -13.99 -17.00 11.90
CA ARG B 198 -14.88 -17.25 13.03
C ARG B 198 -15.38 -15.94 13.62
N LYS B 199 -15.98 -15.12 12.76
CA LYS B 199 -16.48 -13.81 13.17
C LYS B 199 -18.00 -13.82 13.15
N LYS B 200 -18.57 -12.90 13.93
CA LYS B 200 -20.00 -12.84 14.12
C LYS B 200 -20.36 -11.38 14.27
N PRO B 201 -21.43 -10.92 13.63
CA PRO B 201 -21.83 -9.51 13.77
C PRO B 201 -22.02 -9.16 15.24
N PRO B 202 -21.64 -7.94 15.65
CA PRO B 202 -21.07 -6.84 14.85
C PRO B 202 -19.59 -7.03 14.56
N PHE B 203 -19.20 -7.03 13.28
CA PHE B 203 -17.79 -7.13 12.91
C PHE B 203 -17.59 -6.55 11.52
N GLY B 204 -16.36 -6.17 11.25
CA GLY B 204 -16.05 -5.52 9.99
C GLY B 204 -14.98 -6.20 9.16
N ILE B 205 -14.92 -5.83 7.89
CA ILE B 205 -13.92 -6.30 6.95
C ILE B 205 -13.37 -5.07 6.24
N ALA B 206 -12.07 -4.83 6.39
CA ALA B 206 -11.44 -3.60 5.93
C ALA B 206 -10.49 -3.90 4.78
N GLN B 207 -10.30 -2.90 3.93
CA GLN B 207 -9.56 -3.09 2.69
C GLN B 207 -9.07 -1.75 2.16
N THR B 208 -7.86 -1.76 1.58
CA THR B 208 -7.33 -0.64 0.82
C THR B 208 -6.98 -1.13 -0.58
N GLY B 209 -7.15 -0.27 -1.57
CA GLY B 209 -6.85 -0.66 -2.93
C GLY B 209 -7.30 0.40 -3.92
N LYS B 210 -6.90 0.18 -5.17
CA LYS B 210 -7.19 1.11 -6.26
C LYS B 210 -8.61 0.97 -6.75
N SER B 211 -9.26 2.10 -7.01
CA SER B 211 -10.56 2.16 -7.68
C SER B 211 -10.46 3.05 -8.91
N PHE B 212 -11.45 2.92 -9.79
CA PHE B 212 -11.38 3.55 -11.12
C PHE B 212 -12.75 4.10 -11.50
N ARG B 213 -12.77 5.35 -11.93
CA ARG B 213 -14.01 6.00 -12.35
C ARG B 213 -13.71 6.90 -13.54
N ASN B 214 -14.58 6.87 -14.54
CA ASN B 214 -14.40 7.64 -15.77
C ASN B 214 -14.88 9.07 -15.54
N GLU B 215 -14.17 9.75 -14.64
CA GLU B 215 -14.52 11.13 -14.29
C GLU B 215 -14.51 12.01 -15.52
N ILE B 216 -15.61 12.74 -15.72
CA ILE B 216 -15.76 13.57 -16.92
C ILE B 216 -14.72 14.69 -16.92
N THR B 217 -14.41 15.23 -15.74
CA THR B 217 -13.45 16.31 -15.59
C THR B 217 -12.46 15.99 -14.49
N PRO B 218 -11.27 16.55 -14.55
CA PRO B 218 -10.33 16.41 -13.43
C PRO B 218 -10.71 17.39 -12.33
N GLY B 219 -10.04 17.24 -11.19
CA GLY B 219 -10.27 18.09 -10.04
C GLY B 219 -9.10 19.03 -9.78
N ASN B 220 -9.28 19.84 -8.74
CA ASN B 220 -8.18 20.65 -8.24
C ASN B 220 -7.10 19.72 -7.69
N PHE B 221 -5.91 19.77 -8.28
CA PHE B 221 -4.75 19.02 -7.78
C PHE B 221 -5.11 17.53 -7.81
N ILE B 222 -4.97 16.81 -6.71
CA ILE B 222 -5.18 15.37 -6.69
C ILE B 222 -6.56 15.01 -6.14
N PHE B 223 -7.48 15.98 -6.07
CA PHE B 223 -8.75 15.78 -5.39
C PHE B 223 -9.63 14.77 -6.13
N ARG B 224 -9.61 14.79 -7.45
CA ARG B 224 -10.53 14.00 -8.26
C ARG B 224 -9.75 13.44 -9.45
N THR B 225 -9.46 12.14 -9.42
CA THR B 225 -8.69 11.48 -10.45
C THR B 225 -9.47 10.27 -10.97
N ARG B 226 -9.10 9.82 -12.17
CA ARG B 226 -9.76 8.63 -12.73
C ARG B 226 -9.34 7.37 -12.00
N GLU B 227 -8.14 7.38 -11.41
CA GLU B 227 -7.58 6.26 -10.67
C GLU B 227 -7.19 6.77 -9.30
N PHE B 228 -7.69 6.13 -8.24
CA PHE B 228 -7.47 6.60 -6.89
C PHE B 228 -7.54 5.42 -5.94
N GLU B 229 -6.93 5.59 -4.77
CA GLU B 229 -6.88 4.54 -3.76
C GLU B 229 -7.93 4.83 -2.68
N GLN B 230 -8.66 3.79 -2.31
CA GLN B 230 -9.67 3.90 -1.26
C GLN B 230 -9.28 3.06 -0.05
N MET B 231 -9.81 3.45 1.09
CA MET B 231 -9.67 2.72 2.34
C MET B 231 -11.10 2.55 2.86
N GLU B 232 -11.66 1.36 2.65
CA GLU B 232 -13.06 1.09 2.94
C GLU B 232 -13.16 -0.05 3.93
N MET B 233 -14.12 0.07 4.85
CA MET B 233 -14.42 -0.98 5.81
C MET B 233 -15.92 -1.19 5.79
N GLU B 234 -16.34 -2.45 5.72
CA GLU B 234 -17.75 -2.81 5.72
C GLU B 234 -18.04 -3.42 7.09
N PHE B 235 -18.88 -2.76 7.87
CA PHE B 235 -19.18 -3.19 9.24
C PHE B 235 -20.55 -3.84 9.26
N PHE B 236 -20.58 -5.15 9.46
CA PHE B 236 -21.81 -5.93 9.42
C PHE B 236 -22.40 -6.01 10.83
N VAL B 237 -23.66 -5.61 10.96
CA VAL B 237 -24.31 -5.52 12.26
C VAL B 237 -25.70 -6.14 12.17
N GLU B 238 -26.24 -6.46 13.34
CA GLU B 238 -27.63 -6.88 13.41
C GLU B 238 -28.51 -5.67 13.09
N PRO B 239 -29.48 -5.80 12.18
CA PRO B 239 -30.17 -4.60 11.66
C PRO B 239 -30.68 -3.61 12.70
N SER B 240 -31.22 -4.08 13.84
CA SER B 240 -31.83 -3.13 14.77
C SER B 240 -30.81 -2.20 15.41
N THR B 241 -29.52 -2.53 15.38
CA THR B 241 -28.48 -1.67 15.93
C THR B 241 -27.83 -0.77 14.89
N ALA B 242 -28.27 -0.80 13.64
CA ALA B 242 -27.53 -0.15 12.56
C ALA B 242 -27.37 1.35 12.81
N LYS B 243 -28.44 2.02 13.26
CA LYS B 243 -28.37 3.46 13.42
C LYS B 243 -27.36 3.86 14.49
N GLU B 244 -27.35 3.15 15.62
CA GLU B 244 -26.39 3.47 16.67
C GLU B 244 -24.96 3.21 16.21
N TRP B 245 -24.74 2.13 15.46
CA TRP B 245 -23.41 1.86 14.91
C TRP B 245 -23.02 2.89 13.87
N HIS B 246 -23.99 3.47 13.17
CA HIS B 246 -23.69 4.52 12.20
C HIS B 246 -23.10 5.74 12.90
N GLN B 247 -23.73 6.19 13.98
CA GLN B 247 -23.21 7.34 14.73
C GLN B 247 -21.85 7.01 15.33
N TYR B 248 -21.67 5.78 15.79
CA TYR B 248 -20.38 5.40 16.36
C TYR B 248 -19.25 5.59 15.35
N TRP B 249 -19.47 5.17 14.11
CA TRP B 249 -18.38 5.22 13.12
C TRP B 249 -18.19 6.61 12.54
N ILE B 250 -19.26 7.39 12.41
CA ILE B 250 -19.10 8.80 12.06
C ILE B 250 -18.17 9.49 13.06
N ASP B 251 -18.44 9.30 14.36
CA ASP B 251 -17.62 9.91 15.39
C ASP B 251 -16.21 9.34 15.39
N THR B 252 -16.10 8.01 15.24
CA THR B 252 -14.79 7.37 15.30
C THR B 252 -13.90 7.81 14.15
N ARG B 253 -14.44 7.83 12.93
CA ARG B 253 -13.63 8.26 11.79
C ARG B 253 -13.24 9.72 11.93
N LEU B 254 -14.18 10.55 12.36
CA LEU B 254 -13.88 11.96 12.62
C LEU B 254 -12.71 12.11 13.59
N GLN B 255 -12.76 11.37 14.69
CA GLN B 255 -11.69 11.47 15.69
C GLN B 255 -10.36 10.98 15.13
N TRP B 256 -10.41 10.07 14.15
CA TRP B 256 -9.17 9.52 13.59
C TRP B 256 -8.36 10.61 12.89
N TYR B 257 -9.03 11.51 12.17
CA TYR B 257 -8.32 12.60 11.51
C TYR B 257 -7.76 13.59 12.52
N VAL B 258 -8.52 13.87 13.59
CA VAL B 258 -8.03 14.78 14.62
C VAL B 258 -6.82 14.19 15.32
N ASP B 259 -6.87 12.89 15.64
CA ASP B 259 -5.77 12.25 16.34
C ASP B 259 -4.48 12.31 15.52
N LEU B 260 -4.59 12.37 14.19
CA LEU B 260 -3.41 12.43 13.33
C LEU B 260 -3.05 13.85 12.91
N GLY B 261 -3.68 14.86 13.51
CA GLY B 261 -3.19 16.23 13.44
C GLY B 261 -4.08 17.23 12.74
N ILE B 262 -5.19 16.85 12.12
CA ILE B 262 -6.01 17.81 11.42
C ILE B 262 -6.79 18.65 12.41
N ASP B 263 -6.78 19.97 12.21
CA ASP B 263 -7.55 20.87 13.06
C ASP B 263 -9.03 20.53 12.97
N ARG B 264 -9.64 20.28 14.13
CA ARG B 264 -11.05 19.93 14.16
C ARG B 264 -11.89 21.01 13.50
N ASP B 265 -11.46 22.27 13.56
CA ASP B 265 -12.23 23.36 12.98
C ASP B 265 -12.29 23.27 11.46
N ASN B 266 -11.38 22.54 10.83
CA ASN B 266 -11.38 22.34 9.38
C ASN B 266 -12.13 21.09 8.96
N LEU B 267 -12.90 20.48 9.86
CA LEU B 267 -13.69 19.30 9.56
C LEU B 267 -15.15 19.56 9.89
N ARG B 268 -16.05 19.03 9.06
CA ARG B 268 -17.47 19.15 9.32
C ARG B 268 -18.18 17.93 8.75
N LEU B 269 -19.44 17.75 9.16
CA LEU B 269 -20.27 16.66 8.68
C LEU B 269 -21.31 17.20 7.72
N TYR B 270 -21.64 16.40 6.71
CA TYR B 270 -22.61 16.76 5.69
C TYR B 270 -23.49 15.56 5.42
N GLU B 271 -24.80 15.73 5.61
CA GLU B 271 -25.76 14.65 5.40
C GLU B 271 -26.26 14.70 3.96
N HIS B 272 -26.11 13.59 3.25
CA HIS B 272 -26.61 13.51 1.88
C HIS B 272 -28.11 13.72 1.87
N PRO B 273 -28.63 14.61 1.02
CA PRO B 273 -30.08 14.66 0.80
C PRO B 273 -30.52 13.47 -0.03
N PRO B 274 -31.83 13.24 -0.15
CA PRO B 274 -32.30 12.03 -0.84
C PRO B 274 -31.86 11.94 -2.30
N GLU B 275 -31.63 13.08 -2.96
CA GLU B 275 -31.22 13.03 -4.37
C GLU B 275 -29.77 12.57 -4.51
N LYS B 276 -28.88 13.06 -3.64
CA LYS B 276 -27.45 12.74 -3.74
C LYS B 276 -27.13 11.34 -3.24
N LEU B 277 -28.03 10.68 -2.53
CA LEU B 277 -27.75 9.35 -2.00
C LEU B 277 -27.43 8.38 -3.13
N SER B 278 -26.44 7.53 -2.91
CA SER B 278 -26.10 6.50 -3.88
C SER B 278 -27.15 5.40 -3.86
N HIS B 279 -27.21 4.65 -4.98
CA HIS B 279 -28.25 3.64 -5.13
C HIS B 279 -28.16 2.54 -4.08
N TYR B 280 -27.03 2.42 -3.39
CA TYR B 280 -26.83 1.37 -2.40
C TYR B 280 -27.08 1.84 -0.98
N ALA B 281 -27.41 3.11 -0.78
CA ALA B 281 -27.42 3.72 0.54
C ALA B 281 -28.82 4.18 0.94
N GLU B 282 -29.09 4.12 2.24
CA GLU B 282 -30.31 4.65 2.82
C GLU B 282 -30.06 5.97 3.54
N ARG B 283 -28.90 6.09 4.20
CA ARG B 283 -28.46 7.33 4.83
C ARG B 283 -26.95 7.44 4.65
N THR B 284 -26.46 8.62 4.29
CA THR B 284 -25.03 8.82 4.10
C THR B 284 -24.61 10.15 4.72
N VAL B 285 -23.52 10.12 5.48
CA VAL B 285 -22.92 11.31 6.06
C VAL B 285 -21.48 11.41 5.56
N ASP B 286 -21.14 12.54 4.96
CA ASP B 286 -19.78 12.80 4.52
C ASP B 286 -19.02 13.60 5.56
N ILE B 287 -17.77 13.25 5.76
CA ILE B 287 -16.81 14.13 6.42
C ILE B 287 -16.20 15.03 5.35
N GLU B 288 -16.27 16.34 5.56
CA GLU B 288 -15.72 17.31 4.63
C GLU B 288 -14.58 18.07 5.30
N TYR B 289 -13.59 18.45 4.50
CA TYR B 289 -12.44 19.21 4.97
C TYR B 289 -12.39 20.55 4.25
N LYS B 290 -11.92 21.59 4.96
CA LYS B 290 -11.77 22.92 4.37
C LYS B 290 -10.50 22.94 3.52
N TYR B 291 -10.63 22.43 2.30
CA TYR B 291 -9.49 22.36 1.40
C TYR B 291 -9.00 23.74 1.00
N GLY B 292 -9.91 24.70 0.84
CA GLY B 292 -9.56 26.02 0.39
C GLY B 292 -9.83 26.30 -1.07
N PHE B 293 -10.72 25.55 -1.71
CA PHE B 293 -11.07 25.81 -3.09
C PHE B 293 -11.57 27.24 -3.24
N ALA B 294 -11.45 27.77 -4.46
CA ALA B 294 -12.12 29.02 -4.80
C ALA B 294 -13.62 28.76 -4.88
N GLY B 295 -14.40 29.60 -4.20
CA GLY B 295 -15.83 29.41 -4.15
C GLY B 295 -16.22 28.75 -2.85
N ASP B 296 -16.62 27.47 -2.92
CA ASP B 296 -16.87 26.68 -1.72
C ASP B 296 -15.58 26.03 -1.29
N PRO B 297 -14.98 26.42 -0.16
CA PRO B 297 -13.69 25.83 0.23
C PRO B 297 -13.79 24.40 0.76
N TRP B 298 -15.00 23.86 0.95
CA TRP B 298 -15.17 22.54 1.51
C TRP B 298 -15.35 21.49 0.41
N GLY B 299 -14.91 20.27 0.71
CA GLY B 299 -15.06 19.16 -0.22
C GLY B 299 -15.15 17.84 0.53
N GLU B 300 -15.69 16.84 -0.15
CA GLU B 300 -15.84 15.52 0.45
C GLU B 300 -14.47 14.91 0.75
N LEU B 301 -14.32 14.40 1.97
CA LEU B 301 -13.12 13.66 2.39
C LEU B 301 -13.39 12.18 2.58
N GLU B 302 -14.43 11.83 3.34
CA GLU B 302 -14.77 10.43 3.57
C GLU B 302 -16.29 10.32 3.66
N GLY B 303 -16.84 9.31 3.00
CA GLY B 303 -18.26 9.01 3.07
C GLY B 303 -18.51 7.85 4.02
N ILE B 304 -19.56 7.98 4.83
CA ILE B 304 -19.93 6.96 5.80
C ILE B 304 -21.41 6.67 5.59
N ALA B 305 -21.72 5.51 5.03
CA ALA B 305 -23.05 5.18 4.55
C ALA B 305 -23.66 4.04 5.35
N ASN B 306 -24.96 4.12 5.56
CA ASN B 306 -25.76 2.97 6.00
C ASN B 306 -26.29 2.30 4.74
N ARG B 307 -25.67 1.19 4.36
CA ARG B 307 -26.06 0.44 3.18
C ARG B 307 -27.11 -0.63 3.47
N THR B 308 -27.76 -0.55 4.64
CA THR B 308 -28.74 -1.54 5.10
C THR B 308 -28.30 -2.94 4.68
N ASP B 309 -29.24 -3.77 4.24
CA ASP B 309 -28.93 -5.12 3.77
C ASP B 309 -28.90 -5.20 2.25
N PHE B 310 -28.75 -4.07 1.57
CA PHE B 310 -28.82 -4.05 0.11
C PHE B 310 -27.79 -4.99 -0.52
N ASP B 311 -26.53 -4.88 -0.11
CA ASP B 311 -25.45 -5.52 -0.86
C ASP B 311 -25.45 -7.03 -0.69
N LEU B 312 -25.59 -7.51 0.55
CA LEU B 312 -25.64 -8.95 0.77
C LEU B 312 -26.92 -9.56 0.20
N SER B 313 -28.00 -8.78 0.17
CA SER B 313 -29.26 -9.30 -0.37
C SER B 313 -29.17 -9.54 -1.88
N THR B 314 -28.72 -8.54 -2.63
CA THR B 314 -28.73 -8.69 -4.09
C THR B 314 -27.74 -9.76 -4.55
N HIS B 315 -26.63 -9.92 -3.85
CA HIS B 315 -25.67 -10.95 -4.24
C HIS B 315 -26.20 -12.34 -3.91
N SER B 316 -26.98 -12.47 -2.84
CA SER B 316 -27.66 -13.74 -2.58
C SER B 316 -28.62 -14.08 -3.72
N LYS B 317 -29.38 -13.09 -4.19
CA LYS B 317 -30.36 -13.33 -5.25
C LYS B 317 -29.66 -13.69 -6.56
N HIS B 318 -28.69 -12.88 -6.99
CA HIS B 318 -28.08 -13.09 -8.29
C HIS B 318 -27.14 -14.29 -8.31
N SER B 319 -26.46 -14.58 -7.20
CA SER B 319 -25.50 -15.67 -7.17
C SER B 319 -26.11 -16.99 -6.75
N GLY B 320 -27.23 -16.97 -6.02
CA GLY B 320 -27.77 -18.20 -5.48
C GLY B 320 -27.00 -18.76 -4.30
N VAL B 321 -26.05 -18.01 -3.75
CA VAL B 321 -25.33 -18.41 -2.56
C VAL B 321 -25.88 -17.63 -1.37
N ASP B 322 -26.22 -18.34 -0.30
CA ASP B 322 -26.82 -17.73 0.88
C ASP B 322 -25.75 -16.96 1.65
N LEU B 323 -25.90 -15.63 1.70
CA LEU B 323 -24.98 -14.77 2.44
C LEU B 323 -25.62 -14.24 3.72
N SER B 324 -26.70 -14.84 4.19
CA SER B 324 -27.26 -14.44 5.48
C SER B 324 -26.38 -14.98 6.60
N TYR B 325 -26.61 -14.46 7.79
CA TYR B 325 -25.89 -14.91 8.98
C TYR B 325 -26.84 -15.64 9.91
N TYR B 326 -26.38 -16.77 10.44
CA TYR B 326 -27.14 -17.56 11.40
C TYR B 326 -26.56 -17.33 12.79
N ASP B 327 -27.35 -16.70 13.67
CA ASP B 327 -26.96 -16.48 15.06
C ASP B 327 -27.35 -17.72 15.86
N GLN B 328 -26.37 -18.57 16.17
CA GLN B 328 -26.64 -19.79 16.91
C GLN B 328 -27.14 -19.51 18.32
N ALA B 329 -26.76 -18.36 18.90
CA ALA B 329 -27.15 -18.05 20.26
C ALA B 329 -28.64 -17.79 20.39
N THR B 330 -29.35 -17.55 19.27
CA THR B 330 -30.78 -17.31 19.29
C THR B 330 -31.54 -18.16 18.28
N ASP B 331 -30.85 -19.03 17.54
CA ASP B 331 -31.48 -19.81 16.47
C ASP B 331 -32.29 -18.91 15.55
N THR B 332 -31.68 -17.79 15.14
CA THR B 332 -32.29 -16.86 14.21
C THR B 332 -31.31 -16.55 13.09
N ARG B 333 -31.87 -16.35 11.89
CA ARG B 333 -31.10 -16.05 10.69
C ARG B 333 -31.53 -14.69 10.16
N TYR B 334 -30.55 -13.87 9.77
CA TYR B 334 -30.85 -12.55 9.24
C TYR B 334 -29.71 -12.12 8.30
N VAL B 335 -30.03 -11.17 7.43
CA VAL B 335 -29.04 -10.54 6.57
C VAL B 335 -28.50 -9.31 7.30
N PRO B 336 -27.20 -9.25 7.63
CA PRO B 336 -26.70 -8.11 8.37
C PRO B 336 -26.88 -6.79 7.62
N TYR B 337 -27.11 -5.72 8.38
CA TYR B 337 -26.96 -4.38 7.85
C TYR B 337 -25.48 -3.99 7.82
N VAL B 338 -25.15 -3.04 6.95
CA VAL B 338 -23.77 -2.65 6.71
C VAL B 338 -23.61 -1.16 6.97
N ILE B 339 -22.66 -0.82 7.83
CA ILE B 339 -22.16 0.54 7.99
C ILE B 339 -20.80 0.60 7.33
N GLU B 340 -20.59 1.57 6.44
CA GLU B 340 -19.40 1.61 5.60
C GLU B 340 -18.69 2.95 5.73
N PRO B 341 -17.61 3.03 6.50
CA PRO B 341 -16.68 4.16 6.36
C PRO B 341 -15.79 3.93 5.15
N ALA B 342 -15.90 4.83 4.16
CA ALA B 342 -15.15 4.71 2.91
C ALA B 342 -14.33 5.98 2.74
N ALA B 343 -13.04 5.89 3.03
CA ALA B 343 -12.13 7.02 2.96
C ALA B 343 -11.36 7.01 1.64
N GLY B 344 -10.82 8.17 1.29
CA GLY B 344 -9.94 8.28 0.15
C GLY B 344 -8.50 8.50 0.56
N LEU B 345 -7.61 7.58 0.16
CA LEU B 345 -6.21 7.71 0.56
C LEU B 345 -5.57 8.94 -0.05
N THR B 346 -5.68 9.12 -1.36
CA THR B 346 -5.07 10.28 -2.00
C THR B 346 -5.77 11.57 -1.59
N ARG B 347 -7.08 11.52 -1.37
CA ARG B 347 -7.78 12.72 -0.90
C ARG B 347 -7.44 13.01 0.56
N SER B 348 -7.17 11.98 1.35
CA SER B 348 -6.70 12.21 2.72
C SER B 348 -5.30 12.79 2.73
N LEU B 349 -4.45 12.32 1.82
CA LEU B 349 -3.11 12.89 1.72
C LEU B 349 -3.17 14.38 1.43
N MET B 350 -4.08 14.77 0.53
CA MET B 350 -4.24 16.19 0.21
C MET B 350 -4.68 16.98 1.44
N ALA B 351 -5.58 16.42 2.25
CA ALA B 351 -6.06 17.12 3.44
C ALA B 351 -4.95 17.25 4.48
N PHE B 352 -4.26 16.14 4.77
CA PHE B 352 -3.15 16.21 5.73
C PHE B 352 -2.08 17.18 5.27
N LEU B 353 -1.82 17.21 3.96
CA LEU B 353 -0.79 18.10 3.42
C LEU B 353 -1.18 19.56 3.59
N ILE B 354 -2.44 19.89 3.26
CA ILE B 354 -2.89 21.28 3.37
C ILE B 354 -2.96 21.69 4.84
N ASP B 355 -3.56 20.85 5.69
CA ASP B 355 -3.68 21.20 7.10
C ASP B 355 -2.31 21.42 7.73
N ALA B 356 -1.33 20.61 7.35
CA ALA B 356 -0.01 20.72 7.95
C ALA B 356 0.76 21.93 7.44
N TYR B 357 0.40 22.48 6.29
CA TYR B 357 1.09 23.64 5.77
C TYR B 357 0.97 24.79 6.76
N SER B 358 2.05 25.55 6.91
CA SER B 358 2.05 26.66 7.85
C SER B 358 3.15 27.63 7.46
N GLU B 359 3.03 28.83 8.00
CA GLU B 359 4.04 29.87 7.87
C GLU B 359 4.12 30.61 9.18
N ASP B 360 5.34 30.92 9.60
CA ASP B 360 5.56 31.65 10.83
C ASP B 360 6.89 32.36 10.71
N GLU B 361 7.29 33.02 11.78
CA GLU B 361 8.57 33.70 11.84
C GLU B 361 9.54 32.95 12.75
N ALA B 362 10.76 32.80 12.28
CA ALA B 362 11.76 31.98 12.93
C ALA B 362 13.10 32.70 12.94
N PRO B 363 13.87 32.61 14.02
CA PRO B 363 15.20 33.23 14.03
C PRO B 363 15.97 32.89 12.75
N ASN B 364 16.65 33.90 12.23
CA ASN B 364 17.42 33.77 11.00
C ASN B 364 18.88 33.49 11.34
N ALA B 365 19.65 33.13 10.32
CA ALA B 365 21.10 33.04 10.49
C ALA B 365 21.64 34.32 11.13
N LYS B 366 21.49 35.44 10.42
CA LYS B 366 21.65 36.74 11.05
C LYS B 366 20.53 36.94 12.09
N GLY B 367 20.71 37.92 12.96
CA GLY B 367 19.77 38.12 14.04
C GLY B 367 18.37 38.56 13.62
N GLY B 368 17.85 37.96 12.57
CA GLY B 368 16.58 38.38 12.00
C GLY B 368 15.53 37.30 12.02
N VAL B 369 14.37 37.57 11.43
CA VAL B 369 13.28 36.61 11.37
C VAL B 369 12.82 36.48 9.92
N ASP B 370 12.29 35.31 9.60
CA ASP B 370 12.00 34.90 8.22
C ASP B 370 10.65 34.23 8.16
N LYS B 371 10.05 34.25 6.97
CA LYS B 371 8.78 33.54 6.75
C LYS B 371 9.13 32.08 6.47
N ARG B 372 9.14 31.28 7.54
CA ARG B 372 9.54 29.89 7.46
C ARG B 372 8.37 29.05 6.98
N THR B 373 8.61 28.19 6.01
CA THR B 373 7.62 27.25 5.51
C THR B 373 7.81 25.92 6.23
N VAL B 374 6.75 25.45 6.88
CA VAL B 374 6.82 24.25 7.71
C VAL B 374 5.59 23.41 7.44
N LEU B 375 5.79 22.11 7.23
CA LEU B 375 4.71 21.13 7.19
C LEU B 375 4.67 20.45 8.56
N ARG B 376 3.66 20.78 9.36
CA ARG B 376 3.60 20.28 10.73
C ARG B 376 2.89 18.92 10.75
N PHE B 377 3.54 17.95 10.12
CA PHE B 377 3.04 16.59 10.09
C PHE B 377 3.11 15.96 11.48
N ASP B 378 2.11 15.15 11.81
CA ASP B 378 2.26 14.19 12.88
C ASP B 378 3.50 13.33 12.60
N PRO B 379 4.34 13.05 13.60
CA PRO B 379 5.57 12.31 13.32
C PRO B 379 5.33 10.95 12.70
N ARG B 380 4.14 10.37 12.86
CA ARG B 380 3.84 9.08 12.27
C ARG B 380 3.58 9.18 10.78
N LEU B 381 3.19 10.36 10.28
CA LEU B 381 2.92 10.55 8.86
C LEU B 381 4.09 11.15 8.10
N ALA B 382 4.98 11.87 8.78
CA ALA B 382 6.06 12.57 8.08
C ALA B 382 6.84 11.61 7.20
N PRO B 383 7.07 11.94 5.93
CA PRO B 383 7.78 10.99 5.06
C PRO B 383 9.22 10.74 5.47
N VAL B 384 9.88 11.73 6.07
CA VAL B 384 11.24 11.59 6.56
C VAL B 384 11.22 11.82 8.06
N LYS B 385 11.68 10.82 8.83
CA LYS B 385 11.60 10.90 10.28
C LYS B 385 12.78 11.67 10.87
N VAL B 386 13.97 11.49 10.32
CA VAL B 386 15.18 12.11 10.86
C VAL B 386 16.07 12.54 9.70
N ALA B 387 16.66 13.72 9.82
CA ALA B 387 17.69 14.19 8.91
C ALA B 387 19.02 14.24 9.64
N VAL B 388 20.04 13.60 9.06
CA VAL B 388 21.38 13.62 9.62
C VAL B 388 22.17 14.67 8.86
N LEU B 389 22.70 15.64 9.61
CA LEU B 389 23.29 16.85 9.03
C LEU B 389 24.65 17.11 9.66
N PRO B 390 25.74 16.71 9.03
CA PRO B 390 27.05 17.16 9.50
C PRO B 390 27.16 18.67 9.36
N LEU B 391 27.78 19.30 10.35
CA LEU B 391 27.87 20.76 10.36
C LEU B 391 28.44 21.27 9.04
N SER B 392 29.44 20.58 8.51
CA SER B 392 30.01 20.92 7.21
C SER B 392 30.39 19.61 6.52
N ARG B 393 30.87 19.72 5.29
CA ARG B 393 31.38 18.57 4.55
C ARG B 393 32.79 18.17 4.98
N HIS B 394 33.21 18.54 6.19
CA HIS B 394 34.56 18.27 6.66
C HIS B 394 34.77 16.77 6.79
N ALA B 395 35.97 16.30 6.41
CA ALA B 395 36.25 14.87 6.31
C ALA B 395 36.27 14.15 7.65
N ASP B 396 36.37 14.88 8.76
CA ASP B 396 36.38 14.25 10.08
C ASP B 396 34.99 14.08 10.65
N LEU B 397 34.02 14.88 10.17
CA LEU B 397 32.64 14.75 10.62
C LEU B 397 31.93 13.63 9.87
N SER B 398 32.31 13.38 8.62
CA SER B 398 31.61 12.40 7.80
C SER B 398 31.58 11.00 8.41
N PRO B 399 32.69 10.46 8.94
CA PRO B 399 32.62 9.10 9.49
C PRO B 399 31.58 8.94 10.59
N LYS B 400 31.60 9.82 11.59
CA LYS B 400 30.61 9.74 12.65
C LYS B 400 29.20 9.96 12.12
N ALA B 401 29.05 10.84 11.13
CA ALA B 401 27.72 11.19 10.65
C ALA B 401 27.12 10.08 9.79
N ARG B 402 27.90 9.51 8.87
CA ARG B 402 27.38 8.48 7.99
C ARG B 402 27.07 7.21 8.76
N ASP B 403 27.89 6.89 9.76
CA ASP B 403 27.61 5.75 10.62
C ASP B 403 26.29 5.92 11.37
N LEU B 404 25.99 7.15 11.80
CA LEU B 404 24.74 7.39 12.51
C LEU B 404 23.54 7.24 11.59
N ALA B 405 23.62 7.80 10.37
CA ALA B 405 22.52 7.64 9.43
C ALA B 405 22.25 6.18 9.14
N ALA B 406 23.30 5.35 9.10
CA ALA B 406 23.11 3.93 8.86
C ALA B 406 22.39 3.25 10.01
N GLU B 407 22.74 3.61 11.25
CA GLU B 407 22.03 3.04 12.39
C GLU B 407 20.56 3.37 12.35
N LEU B 408 20.22 4.59 11.96
CA LEU B 408 18.82 5.02 11.98
C LEU B 408 18.02 4.44 10.83
N ARG B 409 18.65 4.20 9.67
CA ARG B 409 17.94 3.60 8.55
C ARG B 409 17.45 2.20 8.87
N GLN B 410 17.99 1.57 9.91
CA GLN B 410 17.48 0.29 10.36
C GLN B 410 16.03 0.39 10.83
N HIS B 411 15.60 1.58 11.23
CA HIS B 411 14.30 1.80 11.85
C HIS B 411 13.40 2.74 11.07
N TRP B 412 13.97 3.79 10.46
CA TRP B 412 13.17 4.86 9.88
C TRP B 412 13.76 5.29 8.54
N ASN B 413 12.90 5.89 7.71
CA ASN B 413 13.37 6.57 6.53
C ASN B 413 14.16 7.82 6.92
N VAL B 414 15.36 7.95 6.39
CA VAL B 414 16.32 8.96 6.83
C VAL B 414 16.89 9.69 5.61
N GLU B 415 17.14 10.98 5.78
CA GLU B 415 17.82 11.80 4.78
C GLU B 415 19.17 12.25 5.33
N PHE B 416 20.19 12.19 4.49
CA PHE B 416 21.52 12.68 4.80
C PHE B 416 21.88 13.82 3.86
N ASP B 417 22.28 14.96 4.42
CA ASP B 417 22.57 16.14 3.62
C ASP B 417 23.74 16.90 4.24
N ASP B 418 24.87 16.95 3.54
CA ASP B 418 26.03 17.73 3.96
C ASP B 418 26.27 18.93 3.05
N ALA B 419 25.29 19.30 2.23
CA ALA B 419 25.46 20.32 1.20
C ALA B 419 24.99 21.67 1.71
N GLY B 420 25.89 22.64 1.76
CA GLY B 420 25.53 24.01 2.05
C GLY B 420 25.47 24.30 3.53
N ALA B 421 25.07 25.53 3.83
CA ALA B 421 24.99 25.97 5.22
C ALA B 421 23.95 25.15 5.98
N ILE B 422 24.17 25.02 7.29
CA ILE B 422 23.35 24.11 8.09
C ILE B 422 21.95 24.67 8.28
N GLY B 423 21.84 25.98 8.53
CA GLY B 423 20.54 26.57 8.74
C GLY B 423 19.65 26.48 7.51
N ARG B 424 20.25 26.63 6.33
CA ARG B 424 19.49 26.44 5.10
C ARG B 424 19.05 25.00 4.95
N ARG B 425 19.86 24.04 5.41
CA ARG B 425 19.44 22.65 5.37
C ARG B 425 18.35 22.37 6.40
N TYR B 426 18.36 23.07 7.53
CA TYR B 426 17.25 22.97 8.47
C TYR B 426 15.95 23.40 7.82
N ARG B 427 15.98 24.53 7.10
CA ARG B 427 14.78 25.02 6.42
C ARG B 427 14.32 24.02 5.37
N ARG B 428 15.26 23.37 4.68
CA ARG B 428 14.88 22.40 3.66
C ARG B 428 14.13 21.22 4.26
N GLN B 429 14.53 20.80 5.46
CA GLN B 429 13.87 19.68 6.13
C GLN B 429 12.52 20.11 6.71
N ASP B 430 12.46 21.28 7.33
CA ASP B 430 11.18 21.79 7.82
C ASP B 430 10.16 21.90 6.70
N GLU B 431 10.62 22.22 5.49
CA GLU B 431 9.71 22.46 4.38
C GLU B 431 8.97 21.19 3.99
N VAL B 432 9.54 20.02 4.27
CA VAL B 432 8.90 18.75 3.96
C VAL B 432 8.41 18.05 5.21
N GLY B 433 8.49 18.70 6.37
CA GLY B 433 7.86 18.20 7.57
C GLY B 433 8.69 17.26 8.42
N THR B 434 9.99 17.21 8.21
CA THR B 434 10.82 16.29 8.99
C THR B 434 10.75 16.65 10.46
N PRO B 435 10.38 15.73 11.35
CA PRO B 435 10.21 16.11 12.76
C PRO B 435 11.51 16.44 13.47
N TYR B 436 12.62 15.79 13.14
CA TYR B 436 13.84 15.96 13.89
C TYR B 436 15.05 16.00 12.97
N CYS B 437 15.96 16.93 13.24
CA CYS B 437 17.25 17.01 12.57
C CYS B 437 18.34 16.70 13.59
N VAL B 438 19.27 15.84 13.21
CA VAL B 438 20.40 15.47 14.05
C VAL B 438 21.66 16.06 13.42
N THR B 439 22.35 16.92 14.17
CA THR B 439 23.52 17.62 13.67
C THR B 439 24.78 17.07 14.34
N VAL B 440 25.79 16.79 13.52
CA VAL B 440 27.09 16.32 13.99
C VAL B 440 28.09 17.45 13.79
N ASP B 441 28.69 17.90 14.89
CA ASP B 441 29.65 19.00 14.86
C ASP B 441 31.00 18.48 15.35
N PHE B 442 31.95 19.40 15.52
CA PHE B 442 33.30 19.01 15.89
C PHE B 442 33.40 18.59 17.36
N ASP B 443 32.59 19.20 18.22
CA ASP B 443 32.52 18.74 19.61
C ASP B 443 32.09 17.28 19.68
N SER B 444 31.31 16.81 18.70
CA SER B 444 30.87 15.43 18.70
C SER B 444 32.04 14.45 18.70
N LEU B 445 33.15 14.84 18.06
CA LEU B 445 34.31 13.95 18.03
C LEU B 445 34.95 13.79 19.40
N GLU B 446 34.75 14.76 20.30
CA GLU B 446 35.35 14.72 21.63
C GLU B 446 34.44 14.08 22.67
N ASP B 447 33.12 14.28 22.56
CA ASP B 447 32.18 13.82 23.58
C ASP B 447 31.18 12.77 23.07
N ASN B 448 31.24 12.40 21.80
CA ASN B 448 30.38 11.35 21.26
C ASN B 448 28.90 11.68 21.45
N ALA B 449 28.54 12.94 21.23
CA ALA B 449 27.15 13.37 21.35
C ALA B 449 26.80 14.26 20.16
N VAL B 450 25.51 14.31 19.84
CA VAL B 450 25.00 15.08 18.71
C VAL B 450 23.89 16.01 19.20
N THR B 451 23.58 17.00 18.38
CA THR B 451 22.48 17.90 18.62
C THR B 451 21.21 17.40 17.93
N VAL B 452 20.10 17.44 18.65
CA VAL B 452 18.80 17.03 18.13
C VAL B 452 17.89 18.24 18.15
N ARG B 453 17.37 18.59 16.99
CA ARG B 453 16.53 19.78 16.81
C ARG B 453 15.10 19.35 16.52
N GLU B 454 14.16 19.89 17.29
CA GLU B 454 12.74 19.61 17.08
C GLU B 454 12.18 20.60 16.07
N ARG B 455 11.43 20.07 15.10
CA ARG B 455 11.02 20.88 13.95
C ARG B 455 10.22 22.10 14.37
N ASP B 456 9.17 21.91 15.17
CA ASP B 456 8.23 23.00 15.41
C ASP B 456 8.80 24.06 16.35
N SER B 457 9.36 23.63 17.48
CA SER B 457 9.92 24.59 18.42
C SER B 457 11.27 25.11 17.97
N MET B 458 12.01 24.32 17.18
CA MET B 458 13.39 24.58 16.82
C MET B 458 14.33 24.47 18.00
N ALA B 459 13.83 24.05 19.16
CA ALA B 459 14.67 23.82 20.32
C ALA B 459 15.68 22.71 20.03
N GLN B 460 16.86 22.84 20.64
CA GLN B 460 17.94 21.88 20.46
C GLN B 460 18.36 21.32 21.80
N GLU B 461 18.70 20.04 21.79
CA GLU B 461 19.18 19.33 22.97
C GLU B 461 20.31 18.40 22.52
N ARG B 462 21.30 18.23 23.40
CA ARG B 462 22.47 17.42 23.07
C ARG B 462 22.32 16.04 23.71
N ILE B 463 22.51 15.01 22.90
CA ILE B 463 22.18 13.64 23.25
C ILE B 463 23.37 12.74 22.89
N SER B 464 23.78 11.90 23.82
CA SER B 464 24.80 10.91 23.51
C SER B 464 24.34 10.01 22.36
N ILE B 465 25.28 9.65 21.49
CA ILE B 465 24.91 8.90 20.28
C ILE B 465 24.29 7.55 20.64
N ASP B 466 24.78 6.91 21.69
CA ASP B 466 24.26 5.60 22.05
C ASP B 466 22.87 5.67 22.67
N GLN B 467 22.28 6.86 22.78
CA GLN B 467 20.93 7.04 23.26
C GLN B 467 20.02 7.73 22.25
N VAL B 468 20.55 8.11 21.08
CA VAL B 468 19.75 8.87 20.12
C VAL B 468 18.63 8.02 19.55
N THR B 469 18.89 6.74 19.29
CA THR B 469 17.85 5.88 18.74
C THR B 469 16.67 5.78 19.70
N ASP B 470 16.94 5.52 20.99
CA ASP B 470 15.85 5.49 21.96
C ASP B 470 15.21 6.87 22.12
N TYR B 471 16.02 7.92 22.03
CA TYR B 471 15.50 9.28 22.19
C TYR B 471 14.45 9.59 21.12
N LEU B 472 14.73 9.21 19.87
CA LEU B 472 13.81 9.47 18.77
C LEU B 472 12.65 8.48 18.75
N ALA B 473 12.86 7.25 19.23
CA ALA B 473 11.81 6.24 19.16
C ALA B 473 10.58 6.67 19.97
N VAL B 474 10.80 7.28 21.14
CA VAL B 474 9.66 7.68 21.96
C VAL B 474 8.96 8.90 21.37
N ARG B 475 9.68 9.74 20.63
CA ARG B 475 9.09 10.94 20.05
C ARG B 475 8.50 10.71 18.66
N LEU B 476 8.90 9.65 17.95
CA LEU B 476 8.34 9.38 16.63
C LEU B 476 7.12 8.49 16.68
N LYS B 477 6.97 7.67 17.72
CA LYS B 477 5.75 6.93 17.99
C LYS B 477 5.38 5.94 16.87
N GLY B 478 6.38 5.45 16.14
CA GLY B 478 6.09 4.47 15.10
C GLY B 478 7.13 4.30 14.01
N CYS B 479 7.23 3.08 13.50
CA CYS B 479 8.19 2.76 12.44
C CYS B 479 7.51 1.95 11.33
NA NA C . 16.63 5.28 0.77
CL CL D . 1.97 -23.55 -13.70
C1 EDO E . 5.78 -6.61 10.09
O1 EDO E . 5.30 -7.83 10.60
C2 EDO E . 7.24 -6.73 9.70
O2 EDO E . 7.35 -7.01 8.31
C G5A F . 9.18 -7.39 -15.67
N G5A F . 9.62 -5.07 -15.33
O G5A F . 7.99 -7.19 -15.69
S G5A F . 8.77 -10.03 -15.59
N1 G5A F . 1.40 -13.53 -12.27
C2 G5A F . 2.13 -13.32 -11.19
N3 G5A F . 3.35 -12.81 -11.10
C4 G5A F . 3.82 -12.47 -12.30
C5 G5A F . 3.18 -12.62 -13.51
C6 G5A F . 1.89 -13.18 -13.47
N6 G5A F . 1.15 -13.38 -14.56
N7 G5A F . 3.98 -12.17 -14.53
C8 G5A F . 5.07 -11.76 -13.94
N9 G5A F . 5.03 -11.92 -12.58
CA G5A F . 10.22 -6.30 -15.71
C1' G5A F . 6.03 -11.60 -11.60
O1S G5A F . 7.81 -9.86 -16.65
C2' G5A F . 7.12 -12.66 -11.47
O2' G5A F . 7.50 -12.79 -10.15
O2S G5A F . 9.61 -11.18 -15.48
C3' G5A F . 8.19 -12.09 -12.40
O3' G5A F . 9.47 -12.57 -12.08
N3S G5A F . 9.70 -8.65 -15.62
C4' G5A F . 8.09 -10.62 -11.99
O4' G5A F . 6.68 -10.39 -11.92
C5' G5A F . 8.73 -9.71 -12.99
O5' G5A F . 8.01 -9.92 -14.21
NA NA G . -8.08 -7.16 13.87
ZN ZN H . -19.05 24.08 -26.93
CL CL I . 4.38 5.28 10.27
C G5A J . -17.87 4.61 -1.95
N G5A J . -17.68 2.32 -1.23
O G5A J . -17.36 4.38 -3.02
S G5A J . -17.60 7.24 -2.37
N1 G5A J . -10.78 10.70 -6.91
C2 G5A J . -10.30 10.70 -5.67
N3 G5A J . -10.89 10.25 -4.56
C4 G5A J . -12.10 9.77 -4.81
C5 G5A J . -12.73 9.70 -6.04
C6 G5A J . -12.01 10.20 -7.14
N6 G5A J . -12.48 10.20 -8.38
N7 G5A J . -13.99 9.14 -5.93
C8 G5A J . -14.10 8.88 -4.66
N9 G5A J . -13.00 9.23 -3.93
CA G5A J . -18.37 3.55 -1.00
C1' G5A J . -12.78 9.08 -2.52
O1S G5A J . -18.04 6.94 -3.71
C2' G5A J . -13.36 10.20 -1.67
O2' G5A J . -12.43 10.51 -0.66
O2S G5A J . -17.98 8.46 -1.71
C3' G5A J . -14.68 9.60 -1.17
O3' G5A J . -15.08 10.13 0.06
N3S G5A J . -18.06 5.90 -1.50
C4' G5A J . -14.25 8.15 -0.98
O4' G5A J . -13.38 7.89 -2.07
C5' G5A J . -15.41 7.18 -0.98
O5' G5A J . -16.02 7.23 -2.28
#